data_4FRT
#
_entry.id   4FRT
#
_cell.length_a   152.250
_cell.length_b   111.154
_cell.length_c   99.933
_cell.angle_alpha   90.00
_cell.angle_beta   123.25
_cell.angle_gamma   90.00
#
_symmetry.space_group_name_H-M   'C 1 2 1'
#
loop_
_entity.id
_entity.type
_entity.pdbx_description
1 polymer 'Probable porin'
2 water water
#
_entity_poly.entity_id   1
_entity_poly.type   'polypeptide(L)'
_entity_poly.pdbx_seq_one_letter_code
;HHHHHHEFFADGKAGLELRNFYFNRDYRQPGASQSYSEEWAQGFLLRYESGYTEGLFGLGVDALGLLGVRLDSSPERSGS
GLLPYSTSDRRAAHDYSSLGLTAKLRVSHSTLKIGTLMPRLPVVQFNDTRLHPQTFQGGLLEVNEIDGLALQFGQLRQVK
QRDSTNAEDLGITRGNKRNVLAGRHPGSDRFDFAGGTYRWSERLSSSYHYANLEDFYRQHHLGVQHLLPLADDQSLKSDI
RWARSTDEGGSRVNNRALNALFTYRLGGHAFGLGYQRMSGDSGFAYLAGTDPYLVNFVQIGDFANKDERSWQLRYDYDFA
AIGLPGLTFMSRYLRGEHIDLLDGGGRGKEWERDTDIAYLVQSGPLKNLGIKLRNGTFRSDFGNDIDETRLIVSYALPLW
;
_entity_poly.pdbx_strand_id   A,B
#
# COMPACT_ATOMS: atom_id res chain seq x y z
N GLY A 12 28.50 24.85 -10.90
CA GLY A 12 28.98 23.48 -11.05
C GLY A 12 29.34 22.81 -9.73
N LYS A 13 28.34 22.56 -8.88
CA LYS A 13 28.53 21.88 -7.59
C LYS A 13 28.32 20.37 -7.74
N ALA A 14 29.05 19.59 -6.96
CA ALA A 14 28.85 18.15 -6.97
C ALA A 14 29.06 17.55 -5.59
N GLY A 15 29.49 16.31 -5.54
CA GLY A 15 29.67 15.68 -4.25
C GLY A 15 28.82 14.44 -4.15
N LEU A 16 29.38 13.40 -3.52
CA LEU A 16 28.56 12.23 -3.22
C LEU A 16 28.42 12.01 -1.72
N GLU A 17 27.58 11.04 -1.36
CA GLU A 17 27.40 10.64 0.02
C GLU A 17 27.40 9.12 0.08
N LEU A 18 28.11 8.56 1.05
CA LEU A 18 27.99 7.14 1.34
C LEU A 18 27.16 7.02 2.61
N ARG A 19 26.34 5.98 2.68
CA ARG A 19 25.40 5.86 3.77
C ARG A 19 25.29 4.41 4.22
N ASN A 20 25.43 4.21 5.52
CA ASN A 20 25.32 2.89 6.09
C ASN A 20 24.24 2.97 7.14
N PHE A 21 23.30 2.06 7.05
CA PHE A 21 22.04 2.21 7.73
C PHE A 21 21.58 0.89 8.32
N TYR A 22 21.86 0.65 9.58
CA TYR A 22 21.23 -0.48 10.26
C TYR A 22 19.96 0.01 10.97
N PHE A 23 18.96 -0.84 10.96
CA PHE A 23 17.66 -0.45 11.46
C PHE A 23 17.03 -1.69 11.98
N ASN A 24 16.08 -1.50 12.88
CA ASN A 24 15.66 -2.57 13.74
C ASN A 24 14.33 -2.13 14.35
N ARG A 25 13.32 -2.98 14.28
CA ARG A 25 11.99 -2.61 14.74
C ARG A 25 11.18 -3.80 15.22
N ASP A 26 11.12 -3.92 16.54
CA ASP A 26 10.33 -4.90 17.28
C ASP A 26 8.90 -4.37 17.45
N TYR A 27 7.93 -5.00 16.80
CA TYR A 27 6.56 -4.49 16.69
C TYR A 27 5.56 -5.48 17.26
N ARG A 28 4.81 -5.04 18.27
CA ARG A 28 3.91 -5.92 19.04
C ARG A 28 2.44 -5.51 19.11
N GLN A 29 1.63 -6.46 19.56
CA GLN A 29 0.18 -6.28 19.63
C GLN A 29 -0.43 -6.59 21.03
N PRO A 30 -0.42 -7.86 21.48
CA PRO A 30 -0.88 -7.93 22.87
C PRO A 30 0.27 -7.65 23.83
N SER A 33 0.99 -11.49 19.24
CA SER A 33 1.15 -11.04 17.86
C SER A 33 2.35 -10.11 17.63
N GLN A 34 3.56 -10.67 17.73
CA GLN A 34 4.82 -9.94 17.59
C GLN A 34 5.45 -10.06 16.20
N SER A 35 5.99 -8.95 15.66
CA SER A 35 6.80 -8.98 14.44
C SER A 35 8.17 -8.33 14.73
N TYR A 36 9.20 -8.73 13.99
CA TYR A 36 10.55 -8.24 14.27
C TYR A 36 11.39 -8.01 13.02
N SER A 37 11.42 -6.77 12.52
CA SER A 37 12.09 -6.45 11.27
C SER A 37 13.51 -5.95 11.50
N GLU A 38 14.43 -6.32 10.61
CA GLU A 38 15.79 -5.81 10.65
C GLU A 38 16.21 -5.44 9.28
N GLU A 39 16.99 -4.38 9.14
CA GLU A 39 17.52 -3.99 7.83
C GLU A 39 18.97 -3.52 7.90
N TRP A 40 19.80 -4.04 7.00
CA TRP A 40 21.18 -3.57 6.80
C TRP A 40 21.25 -2.98 5.41
N ALA A 41 21.88 -1.83 5.27
CA ALA A 41 21.86 -1.18 3.97
C ALA A 41 23.05 -0.24 3.73
N GLN A 42 23.50 -0.20 2.47
CA GLN A 42 24.59 0.67 2.09
C GLN A 42 24.12 1.45 0.86
N GLY A 43 24.41 2.75 0.79
CA GLY A 43 23.94 3.52 -0.35
C GLY A 43 24.86 4.63 -0.79
N PHE A 44 24.84 4.93 -2.09
CA PHE A 44 25.66 5.99 -2.67
C PHE A 44 24.74 7.06 -3.25
N LEU A 45 24.88 8.29 -2.80
CA LEU A 45 24.09 9.36 -3.38
C LEU A 45 25.05 10.29 -4.05
N LEU A 46 24.98 10.37 -5.37
CA LEU A 46 25.72 11.37 -6.10
C LEU A 46 24.74 12.44 -6.53
N ARG A 47 25.14 13.69 -6.34
CA ARG A 47 24.29 14.83 -6.68
C ARG A 47 25.06 15.87 -7.48
N TYR A 48 24.48 16.28 -8.61
CA TYR A 48 25.08 17.28 -9.48
C TYR A 48 24.12 18.47 -9.60
N GLU A 49 24.62 19.64 -9.25
CA GLU A 49 23.82 20.85 -9.30
C GLU A 49 24.53 21.86 -10.22
N SER A 50 24.23 21.81 -11.51
CA SER A 50 24.84 22.71 -12.50
C SER A 50 24.52 24.18 -12.25
N GLY A 51 25.09 25.03 -13.10
CA GLY A 51 24.83 26.45 -13.08
C GLY A 51 23.91 26.87 -14.21
N TYR A 52 23.63 28.18 -14.29
CA TYR A 52 22.74 28.71 -15.33
C TYR A 52 23.49 29.36 -16.53
N THR A 53 22.94 29.22 -17.74
CA THR A 53 23.51 29.93 -18.90
C THR A 53 23.28 31.40 -18.67
N GLU A 54 24.28 32.22 -18.97
CA GLU A 54 24.14 33.65 -18.74
C GLU A 54 23.06 34.17 -19.64
N GLY A 55 22.41 35.23 -19.19
CA GLY A 55 21.34 35.82 -19.97
C GLY A 55 20.21 36.28 -19.10
N LEU A 56 19.26 36.96 -19.72
CA LEU A 56 18.06 37.39 -19.05
C LEU A 56 17.38 36.14 -18.49
N PHE A 57 17.54 35.01 -19.20
CA PHE A 57 17.14 33.72 -18.66
C PHE A 57 18.19 32.62 -18.78
N GLY A 58 18.36 31.89 -17.69
CA GLY A 58 19.39 30.88 -17.63
C GLY A 58 18.82 29.48 -17.61
N LEU A 59 19.56 28.59 -18.24
CA LEU A 59 19.17 27.20 -18.30
C LEU A 59 20.13 26.39 -17.43
N GLY A 60 19.59 25.47 -16.65
CA GLY A 60 20.40 24.62 -15.80
C GLY A 60 19.82 23.22 -15.68
N VAL A 61 20.62 22.29 -15.16
CA VAL A 61 20.15 20.93 -14.97
C VAL A 61 20.77 20.26 -13.73
N ASP A 62 19.91 19.66 -12.91
CA ASP A 62 20.34 18.90 -11.76
C ASP A 62 20.26 17.41 -12.02
N ALA A 63 21.20 16.68 -11.46
CA ALA A 63 21.18 15.23 -11.58
C ALA A 63 21.27 14.65 -10.19
N LEU A 64 20.50 13.60 -9.96
CA LEU A 64 20.57 12.89 -8.71
C LEU A 64 20.78 11.45 -9.04
N GLY A 65 21.93 10.92 -8.63
CA GLY A 65 22.26 9.53 -8.85
C GLY A 65 22.23 8.73 -7.56
N LEU A 66 21.47 7.64 -7.56
CA LEU A 66 21.35 6.76 -6.40
C LEU A 66 21.87 5.40 -6.73
N LEU A 67 22.53 4.77 -5.77
CA LEU A 67 22.98 3.40 -5.93
C LEU A 67 23.00 2.73 -4.58
N GLY A 68 22.62 1.47 -4.51
CA GLY A 68 22.61 0.83 -3.20
C GLY A 68 22.04 -0.56 -3.06
N VAL A 69 22.27 -1.14 -1.89
CA VAL A 69 21.79 -2.46 -1.54
C VAL A 69 21.27 -2.52 -0.08
N ARG A 70 20.13 -3.19 0.09
CA ARG A 70 19.52 -3.34 1.38
C ARG A 70 19.61 -4.80 1.68
N LEU A 71 19.04 -5.20 2.81
CA LEU A 71 19.07 -6.58 3.26
C LEU A 71 18.07 -6.70 4.39
N ASP A 72 16.94 -7.32 4.09
CA ASP A 72 15.88 -7.32 5.07
C ASP A 72 15.58 -8.69 5.62
N SER A 73 15.24 -8.70 6.91
CA SER A 73 14.72 -9.88 7.58
C SER A 73 13.50 -9.46 8.38
N SER A 74 12.48 -10.33 8.44
CA SER A 74 11.33 -10.03 9.26
C SER A 74 10.48 -11.27 9.49
N PRO A 75 10.68 -11.94 10.64
CA PRO A 75 9.88 -13.10 10.96
C PRO A 75 8.75 -12.63 11.87
N GLU A 76 7.65 -13.35 11.91
CA GLU A 76 6.47 -12.89 12.64
C GLU A 76 5.62 -14.03 13.21
N ARG A 77 4.91 -13.76 14.32
CA ARG A 77 4.11 -14.77 15.01
C ARG A 77 2.76 -14.21 15.45
N SER A 78 1.73 -15.06 15.42
CA SER A 78 0.40 -14.65 15.82
C SER A 78 0.25 -14.75 17.33
N TYR A 85 -3.18 -19.26 15.26
CA TYR A 85 -1.73 -19.30 15.24
C TYR A 85 -1.15 -19.06 13.85
N SER A 86 0.15 -18.77 13.81
CA SER A 86 0.89 -18.40 12.61
C SER A 86 2.36 -18.16 12.94
N THR A 87 3.26 -18.52 12.02
CA THR A 87 4.68 -18.27 12.22
C THR A 87 5.36 -18.12 10.89
N SER A 88 6.00 -16.98 10.68
CA SER A 88 6.65 -16.65 9.43
C SER A 88 8.11 -16.33 9.64
N ASP A 89 8.92 -16.53 8.62
CA ASP A 89 10.27 -15.97 8.61
C ASP A 89 10.62 -15.61 7.18
N ARG A 90 11.16 -14.42 6.95
CA ARG A 90 11.34 -13.94 5.60
C ARG A 90 12.59 -13.08 5.50
N ARG A 91 13.41 -13.37 4.47
CA ARG A 91 14.66 -12.66 4.16
C ARG A 91 14.56 -12.06 2.77
N ALA A 92 15.23 -10.94 2.55
CA ALA A 92 15.21 -10.32 1.23
C ALA A 92 16.45 -9.50 0.97
N ALA A 93 16.84 -9.40 -0.30
CA ALA A 93 17.96 -8.57 -0.73
C ALA A 93 17.54 -7.77 -1.94
N HIS A 94 17.88 -6.48 -1.94
CA HIS A 94 17.58 -5.64 -3.08
C HIS A 94 18.83 -4.89 -3.45
N ASP A 95 19.00 -4.63 -4.74
CA ASP A 95 19.86 -3.53 -5.16
C ASP A 95 19.12 -2.69 -6.20
N TYR A 96 19.41 -1.39 -6.20
CA TYR A 96 18.73 -0.42 -7.04
C TYR A 96 19.80 0.55 -7.55
N SER A 97 19.48 1.28 -8.61
CA SER A 97 20.24 2.45 -9.03
C SER A 97 19.29 3.40 -9.75
N SER A 98 19.59 4.70 -9.76
CA SER A 98 18.69 5.65 -10.38
C SER A 98 19.40 6.90 -10.83
N LEU A 99 18.87 7.52 -11.88
CA LEU A 99 19.30 8.84 -12.30
C LEU A 99 18.03 9.69 -12.30
N GLY A 100 18.14 10.92 -11.80
CA GLY A 100 16.98 11.77 -11.63
C GLY A 100 17.30 13.18 -12.06
N LEU A 101 16.82 13.53 -13.24
CA LEU A 101 17.20 14.82 -13.81
C LEU A 101 16.13 15.83 -13.52
N THR A 102 16.55 17.07 -13.39
CA THR A 102 15.62 18.12 -13.14
C THR A 102 16.14 19.35 -13.86
N ALA A 103 15.34 19.88 -14.79
CA ALA A 103 15.78 20.96 -15.65
C ALA A 103 15.40 22.31 -15.07
N LYS A 104 16.27 23.30 -15.20
CA LYS A 104 16.08 24.57 -14.48
C LYS A 104 15.96 25.76 -15.42
N LEU A 105 15.15 26.72 -15.02
CA LEU A 105 15.14 28.00 -15.71
C LEU A 105 15.18 29.12 -14.68
N ARG A 106 16.10 30.08 -14.85
CA ARG A 106 16.16 31.21 -13.94
C ARG A 106 15.87 32.53 -14.63
N VAL A 107 15.12 33.39 -13.96
CA VAL A 107 14.95 34.75 -14.40
C VAL A 107 15.18 35.68 -13.21
N SER A 108 16.29 36.40 -13.22
CA SER A 108 16.73 37.23 -12.10
C SER A 108 16.84 36.49 -10.79
N HIS A 109 15.76 36.51 -10.01
CA HIS A 109 15.73 35.89 -8.69
C HIS A 109 14.62 34.83 -8.56
N SER A 110 14.09 34.39 -9.69
CA SER A 110 13.05 33.35 -9.75
C SER A 110 13.47 32.10 -10.48
N THR A 111 12.77 31.00 -10.20
CA THR A 111 13.26 29.69 -10.58
C THR A 111 12.15 28.72 -10.99
N LEU A 112 12.40 27.95 -12.03
CA LEU A 112 11.50 26.89 -12.40
C LEU A 112 12.27 25.59 -12.59
N LYS A 113 11.88 24.57 -11.83
CA LYS A 113 12.47 23.25 -11.95
C LYS A 113 11.38 22.28 -12.39
N ILE A 114 11.66 21.52 -13.44
CA ILE A 114 10.74 20.51 -13.94
C ILE A 114 11.51 19.20 -13.94
N GLY A 115 10.88 18.16 -13.41
CA GLY A 115 11.53 16.87 -13.34
C GLY A 115 11.53 16.41 -11.91
N THR A 116 12.70 16.04 -11.40
CA THR A 116 12.85 15.51 -10.05
C THR A 116 12.85 16.59 -8.96
N LEU A 117 12.02 16.39 -7.94
CA LEU A 117 11.87 17.37 -6.85
C LEU A 117 11.95 16.73 -5.44
N MET A 118 12.51 17.49 -4.49
CA MET A 118 12.60 17.09 -3.07
C MET A 118 12.22 18.24 -2.16
N PRO A 119 10.93 18.60 -2.17
CA PRO A 119 10.45 19.86 -1.58
C PRO A 119 10.51 19.88 -0.05
N ARG A 120 10.66 21.09 0.47
CA ARG A 120 10.68 21.34 1.90
C ARG A 120 9.70 22.45 2.18
N LEU A 121 8.42 22.11 2.16
CA LEU A 121 7.35 23.06 2.41
C LEU A 121 6.32 22.51 3.40
N PRO A 122 5.59 23.41 4.09
CA PRO A 122 4.57 23.06 5.07
C PRO A 122 3.54 22.02 4.61
N VAL A 123 3.33 21.89 3.32
CA VAL A 123 2.25 21.06 2.81
C VAL A 123 2.79 19.80 2.14
N VAL A 124 4.10 19.77 1.90
CA VAL A 124 4.77 18.54 1.48
C VAL A 124 6.25 18.57 1.86
N GLN A 125 6.64 17.64 2.71
CA GLN A 125 8.05 17.54 3.08
C GLN A 125 8.60 16.19 2.75
N PHE A 126 9.54 16.16 1.82
CA PHE A 126 10.08 14.90 1.38
C PHE A 126 10.80 14.24 2.55
N ASN A 127 10.66 12.92 2.66
CA ASN A 127 11.27 12.17 3.75
C ASN A 127 12.68 11.73 3.38
N ASP A 128 13.60 11.77 4.34
CA ASP A 128 14.98 11.37 4.06
C ASP A 128 15.65 10.71 5.26
N THR A 129 14.96 9.75 5.86
CA THR A 129 15.50 9.07 7.03
C THR A 129 15.50 7.56 6.82
N ARG A 130 16.44 7.10 6.01
CA ARG A 130 16.48 5.73 5.50
C ARG A 130 17.58 5.73 4.45
N LEU A 131 17.47 4.87 3.46
CA LEU A 131 18.58 4.68 2.56
C LEU A 131 18.75 5.80 1.53
N HIS A 132 17.66 6.17 0.88
CA HIS A 132 17.70 7.23 -0.12
C HIS A 132 16.46 8.08 0.01
N PRO A 133 16.53 9.34 -0.43
CA PRO A 133 15.43 10.30 -0.32
C PRO A 133 14.17 9.86 -1.04
N GLN A 134 13.02 10.12 -0.42
CA GLN A 134 11.78 10.16 -1.16
C GLN A 134 11.82 11.34 -2.15
N THR A 135 11.52 11.10 -3.41
CA THR A 135 11.54 12.18 -4.39
C THR A 135 10.19 12.29 -5.05
N PHE A 136 9.93 13.41 -5.71
CA PHE A 136 8.71 13.55 -6.49
C PHE A 136 9.02 13.97 -7.92
N GLN A 137 8.14 13.64 -8.87
CA GLN A 137 8.19 14.21 -10.22
C GLN A 137 7.13 15.26 -10.27
N GLY A 138 7.48 16.41 -10.83
CA GLY A 138 6.55 17.52 -10.92
C GLY A 138 7.29 18.79 -11.26
N GLY A 139 6.66 19.92 -10.98
CA GLY A 139 7.29 21.17 -11.27
C GLY A 139 7.15 22.15 -10.13
N LEU A 140 8.18 22.96 -9.94
CA LEU A 140 8.26 23.88 -8.82
C LEU A 140 8.72 25.27 -9.27
N LEU A 141 7.95 26.29 -8.90
CA LEU A 141 8.30 27.66 -9.22
C LEU A 141 8.60 28.43 -7.94
N GLU A 142 9.87 28.66 -7.67
CA GLU A 142 10.20 29.50 -6.55
C GLU A 142 10.44 30.90 -7.08
N VAL A 143 9.78 31.87 -6.48
CA VAL A 143 9.92 33.26 -6.90
C VAL A 143 10.13 34.19 -5.71
N ASN A 144 11.35 34.71 -5.58
CA ASN A 144 11.65 35.73 -4.58
C ASN A 144 12.15 37.01 -5.23
N GLU A 145 11.22 37.86 -5.65
CA GLU A 145 11.53 39.07 -6.37
C GLU A 145 11.28 40.28 -5.48
N ILE A 146 10.36 40.12 -4.54
CA ILE A 146 10.12 41.11 -3.50
C ILE A 146 11.00 40.83 -2.28
N ASP A 147 11.83 41.79 -1.90
CA ASP A 147 12.75 41.61 -0.76
C ASP A 147 12.04 41.23 0.54
N GLY A 148 12.28 40.03 1.03
CA GLY A 148 11.67 39.57 2.28
C GLY A 148 10.41 38.73 2.10
N LEU A 149 10.30 38.05 0.97
CA LEU A 149 9.12 37.26 0.64
C LEU A 149 9.41 36.20 -0.41
N ALA A 150 9.38 34.94 0.03
CA ALA A 150 9.60 33.83 -0.86
C ALA A 150 8.26 33.20 -1.16
N LEU A 151 7.95 33.03 -2.44
CA LEU A 151 6.74 32.32 -2.86
C LEU A 151 7.14 31.05 -3.57
N GLN A 152 6.31 30.03 -3.44
CA GLN A 152 6.49 28.78 -4.16
C GLN A 152 5.18 28.43 -4.78
N PHE A 153 5.23 27.87 -5.98
CA PHE A 153 4.07 27.34 -6.68
C PHE A 153 4.52 26.07 -7.34
N GLY A 154 3.66 25.08 -7.42
CA GLY A 154 4.05 23.88 -8.10
C GLY A 154 2.95 22.87 -8.15
N GLN A 155 3.17 21.82 -8.95
CA GLN A 155 2.36 20.63 -8.82
C GLN A 155 3.26 19.40 -8.96
N LEU A 156 2.95 18.39 -8.16
CA LEU A 156 3.68 17.14 -8.16
C LEU A 156 2.73 16.09 -8.71
N ARG A 157 3.25 15.20 -9.53
CA ARG A 157 2.40 14.25 -10.22
C ARG A 157 2.66 12.84 -9.72
N GLN A 158 3.89 12.58 -9.29
CA GLN A 158 4.28 11.25 -8.85
C GLN A 158 5.39 11.24 -7.79
N VAL A 159 5.47 10.14 -7.04
CA VAL A 159 6.42 10.03 -5.95
C VAL A 159 7.20 8.75 -6.06
N LYS A 160 8.47 8.77 -5.70
CA LYS A 160 9.23 7.53 -5.55
C LYS A 160 9.57 7.40 -4.08
N GLN A 161 8.97 6.44 -3.39
CA GLN A 161 9.19 6.35 -1.94
C GLN A 161 10.60 5.90 -1.57
N ARG A 162 10.99 6.18 -0.33
CA ARG A 162 12.35 5.96 0.16
C ARG A 162 12.83 4.50 0.18
N ASP A 163 11.96 3.60 -0.25
CA ASP A 163 12.29 2.17 -0.31
C ASP A 163 11.92 1.58 -1.68
N SER A 164 11.60 2.45 -2.64
CA SER A 164 11.36 2.01 -4.01
C SER A 164 12.08 2.94 -4.97
N THR A 165 12.45 2.43 -6.13
CA THR A 165 12.99 3.28 -7.18
C THR A 165 12.01 3.25 -8.36
N ASN A 166 10.81 2.75 -8.08
CA ASN A 166 9.70 2.75 -9.03
C ASN A 166 8.65 3.74 -8.57
N ALA A 167 8.36 4.75 -9.38
CA ALA A 167 7.33 5.72 -9.03
C ALA A 167 5.97 5.05 -8.88
N GLU A 168 5.14 5.61 -8.00
CA GLU A 168 3.76 5.20 -7.84
C GLU A 168 2.93 6.47 -7.61
N ASP A 169 1.60 6.39 -7.66
CA ASP A 169 0.75 7.59 -7.62
C ASP A 169 0.70 8.20 -6.23
N LEU A 170 0.46 9.50 -6.15
CA LEU A 170 0.40 10.14 -4.85
C LEU A 170 -0.81 9.61 -4.10
N GLY A 171 -0.63 9.34 -2.81
CA GLY A 171 -1.70 8.86 -1.96
C GLY A 171 -1.74 9.69 -0.67
N ILE A 172 -2.52 9.21 0.31
CA ILE A 172 -2.66 9.95 1.55
C ILE A 172 -2.33 9.03 2.71
N THR A 173 -1.70 9.59 3.75
CA THR A 173 -1.28 8.78 4.87
C THR A 173 -2.55 8.34 5.57
N ARG A 174 -2.88 7.05 5.47
CA ARG A 174 -4.14 6.58 5.97
C ARG A 174 -3.98 5.59 7.10
N GLY A 175 -5.07 4.91 7.43
CA GLY A 175 -5.07 3.86 8.42
C GLY A 175 -4.86 4.28 9.86
N ASN A 176 -4.64 3.29 10.71
CA ASN A 176 -4.41 3.47 12.13
C ASN A 176 -5.64 4.08 12.78
N LYS A 177 -5.57 5.37 13.05
CA LYS A 177 -6.65 6.06 13.72
C LYS A 177 -6.76 7.47 13.13
N ARG A 178 -5.94 7.73 12.11
CA ARG A 178 -6.06 8.94 11.29
C ARG A 178 -7.47 9.14 10.72
N ASN A 179 -8.13 8.02 10.43
CA ASN A 179 -9.49 7.98 9.90
C ASN A 179 -9.57 8.34 8.41
N VAL A 180 -8.48 8.09 7.69
CA VAL A 180 -8.39 8.43 6.28
C VAL A 180 -8.77 7.28 5.34
N SER A 188 -4.33 10.26 -6.72
CA SER A 188 -4.33 10.74 -8.09
C SER A 188 -2.92 10.94 -8.63
N ASP A 189 -2.82 11.86 -9.57
CA ASP A 189 -1.56 12.19 -10.17
C ASP A 189 -1.40 13.71 -10.20
N ARG A 190 -2.04 14.39 -9.24
CA ARG A 190 -2.05 15.85 -9.23
C ARG A 190 -2.12 16.47 -7.83
N PHE A 191 -0.95 16.84 -7.34
CA PHE A 191 -0.85 17.55 -6.10
C PHE A 191 -0.38 18.95 -6.41
N ASP A 192 -1.31 19.89 -6.39
CA ASP A 192 -0.99 21.30 -6.58
C ASP A 192 -0.68 21.96 -5.25
N PHE A 193 0.17 22.98 -5.27
CA PHE A 193 0.42 23.75 -4.07
C PHE A 193 0.87 25.16 -4.40
N ALA A 194 0.60 26.08 -3.50
CA ALA A 194 1.01 27.47 -3.66
C ALA A 194 1.08 28.08 -2.27
N GLY A 195 2.03 29.00 -2.07
CA GLY A 195 2.13 29.70 -0.81
C GLY A 195 3.37 30.54 -0.67
N GLY A 196 3.74 30.85 0.58
CA GLY A 196 4.91 31.65 0.82
C GLY A 196 5.19 32.10 2.25
N THR A 197 6.36 32.69 2.44
CA THR A 197 6.78 33.15 3.75
C THR A 197 7.38 34.54 3.71
N TYR A 198 6.77 35.47 4.45
CA TYR A 198 7.25 36.86 4.57
C TYR A 198 8.17 36.98 5.79
N ARG A 199 9.36 37.54 5.59
CA ARG A 199 10.26 37.75 6.73
C ARG A 199 9.99 39.15 7.25
N TRP A 200 9.08 39.27 8.22
CA TRP A 200 8.71 40.57 8.80
C TRP A 200 9.92 41.29 9.36
N SER A 201 10.76 40.56 10.09
CA SER A 201 12.06 41.09 10.51
C SER A 201 13.11 40.06 10.14
N GLU A 202 14.33 40.25 10.64
CA GLU A 202 15.36 39.26 10.42
C GLU A 202 15.12 38.09 11.35
N ARG A 203 14.12 38.22 12.20
CA ARG A 203 13.78 37.15 13.15
C ARG A 203 12.29 37.17 13.54
N LEU A 204 11.43 37.31 12.52
CA LEU A 204 9.99 37.12 12.66
C LEU A 204 9.36 36.69 11.32
N SER A 205 9.36 35.38 11.06
CA SER A 205 8.72 34.79 9.88
C SER A 205 7.22 34.56 10.04
N SER A 206 6.47 34.68 8.95
CA SER A 206 5.07 34.25 8.94
C SER A 206 4.71 33.57 7.62
N SER A 207 4.28 32.32 7.67
CA SER A 207 4.01 31.61 6.43
C SER A 207 2.53 31.39 6.19
N TYR A 208 2.19 31.18 4.93
CA TYR A 208 0.91 30.66 4.54
C TYR A 208 1.08 29.75 3.30
N HIS A 209 0.60 28.51 3.39
CA HIS A 209 0.65 27.62 2.25
C HIS A 209 -0.66 26.90 2.00
N TYR A 210 -0.93 26.67 0.73
CA TYR A 210 -2.09 25.91 0.33
C TYR A 210 -1.64 24.65 -0.39
N ALA A 211 -2.41 23.58 -0.24
CA ALA A 211 -2.20 22.38 -1.06
C ALA A 211 -3.54 21.83 -1.55
N ASN A 212 -3.48 21.00 -2.59
CA ASN A 212 -4.67 20.35 -3.10
C ASN A 212 -4.29 19.07 -3.80
N LEU A 213 -4.73 17.94 -3.22
CA LEU A 213 -4.57 16.64 -3.86
C LEU A 213 -5.88 16.24 -4.54
N GLU A 214 -5.87 16.20 -5.87
CA GLU A 214 -7.05 15.84 -6.70
C GLU A 214 -7.94 14.72 -6.15
N ASP A 215 -9.22 15.05 -5.93
CA ASP A 215 -10.24 14.10 -5.42
C ASP A 215 -10.05 13.70 -3.94
N PHE A 216 -9.06 14.29 -3.28
CA PHE A 216 -8.75 13.92 -1.90
C PHE A 216 -8.95 15.10 -0.93
N TYR A 217 -7.96 15.96 -0.80
CA TYR A 217 -8.04 17.04 0.18
C TYR A 217 -7.54 18.41 -0.28
N ARG A 218 -8.06 19.44 0.38
CA ARG A 218 -7.56 20.79 0.19
C ARG A 218 -7.04 21.22 1.55
N GLN A 219 -5.78 21.62 1.62
CA GLN A 219 -5.20 21.92 2.91
C GLN A 219 -4.74 23.37 2.96
N HIS A 220 -5.04 24.04 4.07
CA HIS A 220 -4.52 25.38 4.32
C HIS A 220 -3.55 25.29 5.49
N HIS A 221 -2.51 26.12 5.46
CA HIS A 221 -1.45 26.02 6.45
C HIS A 221 -0.79 27.35 6.80
N LEU A 222 -1.17 27.88 7.96
CA LEU A 222 -0.63 29.11 8.53
C LEU A 222 0.47 28.84 9.55
N GLY A 223 1.59 29.52 9.40
CA GLY A 223 2.68 29.38 10.34
C GLY A 223 3.28 30.69 10.76
N VAL A 224 3.80 30.73 11.99
CA VAL A 224 4.60 31.87 12.46
C VAL A 224 5.78 31.41 13.31
N GLN A 225 6.98 31.78 12.91
CA GLN A 225 8.16 31.51 13.72
C GLN A 225 8.68 32.84 14.18
N HIS A 226 9.08 32.90 15.45
CA HIS A 226 9.58 34.12 16.07
C HIS A 226 10.71 33.70 16.99
N LEU A 227 11.93 34.15 16.70
CA LEU A 227 13.03 34.02 17.63
C LEU A 227 13.03 35.27 18.52
N LEU A 228 13.59 35.16 19.73
CA LEU A 228 13.61 36.28 20.66
C LEU A 228 14.84 36.16 21.54
N PRO A 229 15.92 36.88 21.19
CA PRO A 229 17.16 36.81 21.98
C PRO A 229 16.99 37.47 23.34
N LEU A 230 17.29 36.73 24.41
CA LEU A 230 17.18 37.30 25.75
C LEU A 230 18.46 37.88 26.31
N ALA A 231 19.52 37.09 26.27
CA ALA A 231 20.76 37.44 26.96
C ALA A 231 21.95 36.80 26.25
N ASP A 232 22.43 37.48 25.22
CA ASP A 232 23.64 37.12 24.48
C ASP A 232 23.71 35.66 24.03
N ASP A 233 23.74 34.74 24.99
CA ASP A 233 23.84 33.32 24.68
C ASP A 233 22.63 32.53 25.13
N GLN A 234 21.46 33.16 25.10
CA GLN A 234 20.21 32.44 25.34
C GLN A 234 19.00 33.13 24.71
N SER A 235 18.22 32.35 23.96
CA SER A 235 17.00 32.84 23.33
C SER A 235 15.81 31.89 23.52
N LEU A 236 14.67 32.29 22.96
CA LEU A 236 13.45 31.51 23.05
C LEU A 236 12.75 31.50 21.70
N LYS A 237 12.75 30.34 21.05
CA LYS A 237 12.10 30.19 19.75
C LYS A 237 10.64 29.75 19.90
N SER A 238 9.74 30.45 19.22
CA SER A 238 8.32 30.12 19.20
C SER A 238 7.88 29.73 17.80
N ASP A 239 7.34 28.53 17.65
CA ASP A 239 6.94 28.03 16.36
C ASP A 239 5.47 27.66 16.44
N ILE A 240 4.61 28.52 15.94
CA ILE A 240 3.19 28.29 16.13
C ILE A 240 2.53 28.03 14.78
N ARG A 241 1.86 26.89 14.69
CA ARG A 241 1.33 26.41 13.41
C ARG A 241 -0.16 26.12 13.52
N TRP A 242 -0.87 26.38 12.43
CA TRP A 242 -2.29 26.02 12.32
C TRP A 242 -2.54 25.46 10.91
N ALA A 243 -3.36 24.42 10.80
CA ALA A 243 -3.68 23.83 9.50
C ALA A 243 -5.12 23.36 9.41
N ARG A 244 -5.66 23.36 8.19
CA ARG A 244 -7.03 22.91 7.98
C ARG A 244 -7.17 22.12 6.67
N SER A 245 -7.60 20.87 6.81
CA SER A 245 -7.80 20.00 5.66
C SER A 245 -9.30 19.85 5.46
N THR A 246 -9.74 19.81 4.21
CA THR A 246 -11.15 19.57 3.90
C THR A 246 -11.24 18.53 2.79
N ASP A 247 -12.44 18.00 2.59
CA ASP A 247 -12.68 16.94 1.63
C ASP A 247 -12.83 17.47 0.20
N GLU A 248 -12.52 16.65 -0.79
CA GLU A 248 -12.78 17.01 -2.18
C GLU A 248 -13.78 16.04 -2.85
N GLY A 249 -13.62 14.74 -2.59
CA GLY A 249 -14.50 13.76 -3.20
C GLY A 249 -15.35 13.06 -2.16
N ARG A 252 -13.40 11.19 2.19
CA ARG A 252 -13.49 12.51 2.82
C ARG A 252 -12.68 12.64 4.13
N VAL A 253 -11.98 13.76 4.27
CA VAL A 253 -11.32 14.09 5.51
C VAL A 253 -11.85 15.43 5.97
N ASN A 254 -11.67 15.72 7.23
CA ASN A 254 -12.09 16.95 7.84
C ASN A 254 -11.20 17.09 9.07
N ASN A 255 -10.32 18.11 9.05
CA ASN A 255 -9.31 18.21 10.09
C ASN A 255 -8.81 19.63 10.29
N ARG A 256 -8.59 19.98 11.56
CA ARG A 256 -7.87 21.18 11.94
C ARG A 256 -6.74 20.66 12.79
N ALA A 257 -5.55 21.21 12.62
CA ALA A 257 -4.45 20.85 13.48
C ALA A 257 -3.82 22.14 13.99
N LEU A 258 -3.93 22.40 15.29
CA LEU A 258 -3.19 23.50 15.87
C LEU A 258 -2.02 22.89 16.60
N ASN A 259 -0.84 23.47 16.44
CA ASN A 259 0.34 22.92 17.11
C ASN A 259 1.49 23.92 17.20
N ALA A 260 2.10 23.96 18.37
CA ALA A 260 3.14 24.92 18.62
C ALA A 260 4.25 24.30 19.44
N LEU A 261 5.47 24.68 19.14
CA LEU A 261 6.60 24.26 19.92
C LEU A 261 7.31 25.51 20.45
N PHE A 262 7.70 25.47 21.72
CA PHE A 262 8.48 26.55 22.31
C PHE A 262 9.81 26.02 22.81
N THR A 263 10.89 26.57 22.27
CA THR A 263 12.21 26.11 22.62
C THR A 263 13.08 27.20 23.21
N TYR A 264 13.37 27.07 24.51
CA TYR A 264 14.21 28.02 25.23
C TYR A 264 15.67 27.59 25.17
N ARG A 265 16.48 28.35 24.47
CA ARG A 265 17.85 27.92 24.25
C ARG A 265 18.73 28.62 25.27
N LEU A 266 19.65 27.86 25.87
CA LEU A 266 20.51 28.37 26.93
C LEU A 266 21.85 27.65 26.93
N GLY A 267 22.88 28.31 26.43
CA GLY A 267 24.20 27.71 26.36
C GLY A 267 24.24 26.53 25.40
N GLY A 268 24.54 25.35 25.93
CA GLY A 268 24.51 24.14 25.13
C GLY A 268 23.22 23.38 25.34
N HIS A 269 22.32 23.94 26.15
CA HIS A 269 21.06 23.27 26.47
C HIS A 269 19.88 23.87 25.69
N ALA A 270 18.87 23.04 25.43
CA ALA A 270 17.63 23.50 24.81
C ALA A 270 16.44 22.77 25.42
N PHE A 271 15.49 23.52 25.95
CA PHE A 271 14.36 22.94 26.61
C PHE A 271 13.11 23.29 25.82
N GLY A 272 12.40 22.27 25.34
CA GLY A 272 11.30 22.47 24.46
C GLY A 272 10.04 21.83 24.94
N LEU A 273 8.98 22.63 24.97
CA LEU A 273 7.65 22.14 25.33
C LEU A 273 6.84 22.27 24.07
N GLY A 274 6.10 21.21 23.71
CA GLY A 274 5.25 21.26 22.55
C GLY A 274 3.84 20.77 22.79
N TYR A 275 2.88 21.49 22.23
CA TYR A 275 1.48 21.09 22.24
C TYR A 275 0.98 20.90 20.80
N GLN A 276 0.08 19.93 20.60
CA GLN A 276 -0.48 19.62 19.28
C GLN A 276 -1.87 19.02 19.48
N ARG A 277 -2.86 19.61 18.82
CA ARG A 277 -4.24 19.13 18.95
C ARG A 277 -4.94 18.90 17.61
N MET A 278 -5.46 17.69 17.43
CA MET A 278 -6.26 17.34 16.25
C MET A 278 -7.74 17.48 16.54
N SER A 279 -8.47 18.08 15.62
CA SER A 279 -9.89 18.28 15.79
C SER A 279 -10.55 17.94 14.47
N GLY A 280 -11.86 17.75 14.48
CA GLY A 280 -12.56 17.41 13.26
C GLY A 280 -12.72 15.91 13.00
N ASP A 281 -13.23 15.58 11.82
CA ASP A 281 -13.68 14.22 11.55
C ASP A 281 -12.59 13.19 11.30
N SER A 282 -11.39 13.65 10.97
CA SER A 282 -10.27 12.73 10.80
C SER A 282 -8.94 13.35 11.26
N GLY A 283 -7.87 12.55 11.33
CA GLY A 283 -6.56 13.04 11.71
C GLY A 283 -5.92 13.89 10.63
N PHE A 284 -4.60 14.03 10.67
CA PHE A 284 -3.92 15.02 9.82
C PHE A 284 -3.73 14.46 8.42
N ALA A 285 -3.78 15.36 7.44
CA ALA A 285 -3.69 14.94 6.06
C ALA A 285 -2.32 15.31 5.53
N TYR A 286 -1.63 14.33 4.94
CA TYR A 286 -0.39 14.58 4.20
C TYR A 286 -0.10 13.43 3.27
N LEU A 287 0.77 13.67 2.30
CA LEU A 287 1.05 12.70 1.26
C LEU A 287 1.79 11.53 1.86
N ALA A 288 1.29 10.32 1.60
CA ALA A 288 1.84 9.11 2.18
C ALA A 288 3.34 8.98 1.99
N GLY A 289 4.05 8.83 3.09
CA GLY A 289 5.49 8.67 3.02
C GLY A 289 6.21 9.96 3.32
N THR A 290 5.48 11.08 3.31
CA THR A 290 6.14 12.34 3.65
C THR A 290 6.25 12.48 5.16
N ASP A 291 6.88 13.58 5.58
CA ASP A 291 7.04 13.91 6.99
C ASP A 291 6.08 15.05 7.24
N PRO A 292 5.03 14.80 8.02
CA PRO A 292 3.98 15.82 8.19
C PRO A 292 4.58 17.01 8.90
N TYR A 293 4.15 18.22 8.56
CA TYR A 293 4.68 19.40 9.24
C TYR A 293 3.99 19.61 10.60
N LEU A 294 4.27 18.69 11.53
CA LEU A 294 3.73 18.74 12.89
C LEU A 294 4.85 18.79 13.92
N VAL A 295 4.65 19.53 15.01
CA VAL A 295 5.68 19.66 16.05
C VAL A 295 5.95 18.34 16.75
N ASN A 296 4.89 17.56 16.97
CA ASN A 296 5.02 16.28 17.65
C ASN A 296 5.24 15.08 16.73
N PHE A 297 5.46 15.33 15.43
CA PHE A 297 5.86 14.23 14.56
C PHE A 297 7.27 13.89 14.97
N VAL A 298 7.41 12.70 15.54
CA VAL A 298 8.69 12.23 16.03
C VAL A 298 8.96 10.84 15.48
N GLN A 299 9.86 10.11 16.13
CA GLN A 299 10.42 8.92 15.51
C GLN A 299 9.39 7.90 15.04
N ILE A 300 8.51 7.50 15.94
CA ILE A 300 7.56 6.43 15.62
C ILE A 300 6.16 6.96 15.39
N GLY A 301 5.61 7.72 16.30
CA GLY A 301 4.27 8.25 16.09
C GLY A 301 4.24 9.60 15.37
N ASP A 302 3.11 9.91 14.73
CA ASP A 302 2.86 11.25 14.20
C ASP A 302 1.98 12.02 15.18
N PHE A 303 1.44 11.29 16.17
CA PHE A 303 0.54 11.85 17.18
C PHE A 303 -0.53 12.72 16.53
N ALA A 304 -1.09 12.22 15.43
CA ALA A 304 -2.09 12.95 14.68
C ALA A 304 -3.28 12.06 14.31
N ASN A 305 -3.77 11.29 15.28
CA ASN A 305 -5.00 10.53 15.06
C ASN A 305 -6.20 11.43 15.35
N LYS A 306 -7.41 10.95 15.03
CA LYS A 306 -8.59 11.77 15.25
C LYS A 306 -8.76 12.18 16.72
N ASP A 307 -8.87 13.49 16.92
CA ASP A 307 -9.14 14.10 18.24
C ASP A 307 -7.94 14.08 19.19
N GLU A 308 -6.77 13.65 18.70
CA GLU A 308 -5.63 13.42 19.60
C GLU A 308 -4.92 14.70 20.04
N ARG A 309 -4.93 14.94 21.35
CA ARG A 309 -4.12 16.00 21.97
C ARG A 309 -2.79 15.40 22.41
N SER A 310 -1.69 16.12 22.15
CA SER A 310 -0.36 15.63 22.48
C SER A 310 0.51 16.65 23.20
N TRP A 311 1.44 16.16 24.01
CA TRP A 311 2.34 17.02 24.75
C TRP A 311 3.74 16.55 24.56
N GLN A 312 4.65 17.49 24.33
CA GLN A 312 6.06 17.11 24.18
C GLN A 312 7.02 17.91 25.05
N LEU A 313 7.86 17.18 25.78
CA LEU A 313 8.96 17.76 26.49
C LEU A 313 10.21 17.34 25.73
N ARG A 314 11.10 18.27 25.45
CA ARG A 314 12.31 17.90 24.76
C ARG A 314 13.51 18.60 25.36
N TYR A 315 14.64 17.86 25.44
CA TYR A 315 15.92 18.40 25.89
C TYR A 315 17.05 18.13 24.90
N ASP A 316 17.80 19.18 24.54
CA ASP A 316 18.94 19.02 23.64
C ASP A 316 20.20 19.50 24.34
N TYR A 317 21.29 18.73 24.24
CA TYR A 317 22.59 19.26 24.65
C TYR A 317 23.64 19.17 23.55
N ASP A 318 24.21 20.32 23.20
CA ASP A 318 25.32 20.43 22.24
C ASP A 318 26.67 20.39 22.97
N PHE A 319 27.47 19.36 22.71
CA PHE A 319 28.75 19.23 23.40
C PHE A 319 29.85 20.16 22.92
N ALA A 320 29.47 21.18 22.14
CA ALA A 320 30.38 22.26 21.77
C ALA A 320 30.78 23.08 23.00
N ALA A 321 29.83 23.26 23.91
CA ALA A 321 30.08 23.98 25.15
C ALA A 321 31.27 23.35 25.88
N ILE A 322 31.03 22.16 26.44
CA ILE A 322 32.05 21.36 27.13
C ILE A 322 33.37 21.20 26.35
N GLY A 323 33.35 21.44 25.05
CA GLY A 323 34.56 21.28 24.28
C GLY A 323 34.64 19.88 23.72
N LEU A 324 33.78 19.61 22.74
CA LEU A 324 33.70 18.33 22.05
C LEU A 324 32.76 18.52 20.88
N PRO A 325 33.10 19.44 19.96
CA PRO A 325 32.10 19.86 18.96
C PRO A 325 31.59 18.68 18.15
N GLY A 326 30.34 18.78 17.70
CA GLY A 326 29.75 17.77 16.85
C GLY A 326 29.17 16.57 17.56
N LEU A 327 29.15 16.60 18.88
CA LEU A 327 28.45 15.57 19.64
C LEU A 327 27.18 16.18 20.22
N THR A 328 26.04 15.54 19.99
CA THR A 328 24.78 16.05 20.52
C THR A 328 23.94 14.95 21.10
N PHE A 329 23.06 15.36 22.00
CA PHE A 329 22.17 14.45 22.68
C PHE A 329 20.81 15.05 22.53
N MET A 330 19.79 14.20 22.49
CA MET A 330 18.43 14.67 22.43
C MET A 330 17.54 13.64 23.05
N SER A 331 16.55 14.13 23.77
CA SER A 331 15.59 13.25 24.37
C SER A 331 14.28 13.98 24.49
N ARG A 332 13.21 13.26 24.21
CA ARG A 332 11.90 13.87 24.21
C ARG A 332 10.88 12.83 24.62
N TYR A 333 9.89 13.27 25.35
CA TYR A 333 8.83 12.39 25.78
C TYR A 333 7.56 13.03 25.26
N LEU A 334 6.70 12.23 24.66
CA LEU A 334 5.46 12.77 24.21
C LEU A 334 4.35 11.95 24.80
N ARG A 335 3.20 12.58 24.98
CA ARG A 335 2.07 11.87 25.50
C ARG A 335 0.91 12.41 24.73
N GLY A 336 0.19 11.52 24.06
CA GLY A 336 -1.05 11.89 23.40
C GLY A 336 -2.20 11.10 24.02
N GLU A 337 -3.36 11.74 24.02
CA GLU A 337 -4.55 11.19 24.64
C GLU A 337 -5.74 11.70 23.86
N HIS A 338 -6.94 11.36 24.34
CA HIS A 338 -8.20 11.80 23.74
C HIS A 338 -8.41 11.25 22.34
N ILE A 339 -7.65 10.23 21.98
CA ILE A 339 -7.76 9.64 20.66
C ILE A 339 -9.09 8.98 20.49
N ASP A 340 -9.83 9.40 19.49
CA ASP A 340 -11.09 8.74 19.19
C ASP A 340 -10.69 7.39 18.70
N LEU A 341 -11.35 6.35 19.19
CA LEU A 341 -11.07 5.00 18.72
C LEU A 341 -12.13 4.56 17.71
N LEU A 342 -13.03 5.48 17.35
CA LEU A 342 -14.08 5.22 16.36
C LEU A 342 -14.92 4.01 16.72
N ASP A 343 -14.34 2.82 16.60
CA ASP A 343 -15.02 1.57 16.97
C ASP A 343 -15.37 1.53 18.46
N GLY A 344 -14.55 0.85 19.26
CA GLY A 344 -14.75 0.78 20.69
C GLY A 344 -14.87 2.19 21.23
N GLY A 345 -16.08 2.57 21.65
CA GLY A 345 -16.40 3.93 22.08
C GLY A 345 -15.50 4.63 23.09
N GLY A 346 -14.44 3.94 23.54
CA GLY A 346 -13.48 4.52 24.47
C GLY A 346 -12.47 5.43 23.79
N ARG A 347 -11.50 5.91 24.56
CA ARG A 347 -10.46 6.74 23.97
C ARG A 347 -9.06 6.18 24.21
N GLY A 348 -8.16 6.48 23.29
CA GLY A 348 -6.83 5.94 23.33
C GLY A 348 -5.86 6.95 23.86
N LYS A 349 -4.82 6.44 24.50
CA LYS A 349 -3.68 7.22 24.92
C LYS A 349 -2.45 6.48 24.43
N GLU A 350 -1.39 7.22 24.16
CA GLU A 350 -0.12 6.63 23.76
C GLU A 350 0.96 7.57 24.26
N TRP A 351 2.18 7.06 24.36
CA TRP A 351 3.28 7.90 24.73
C TRP A 351 4.54 7.42 24.04
N GLU A 352 5.49 8.32 23.82
CA GLU A 352 6.71 7.91 23.15
C GLU A 352 7.94 8.53 23.82
N ARG A 353 9.07 7.84 23.68
CA ARG A 353 10.34 8.33 24.18
C ARG A 353 11.40 8.10 23.14
N ASP A 354 12.07 9.19 22.74
CA ASP A 354 13.13 9.14 21.75
C ASP A 354 14.43 9.61 22.37
N THR A 355 15.51 8.88 22.12
CA THR A 355 16.80 9.34 22.58
C THR A 355 17.78 9.17 21.42
N ASP A 356 18.40 10.27 20.99
CA ASP A 356 19.39 10.23 19.91
C ASP A 356 20.75 10.76 20.34
N ILE A 357 21.82 10.04 20.03
CA ILE A 357 23.16 10.58 20.21
C ILE A 357 23.79 10.69 18.82
N ALA A 358 24.54 11.76 18.54
CA ALA A 358 25.06 11.94 17.19
C ALA A 358 26.45 12.56 17.17
N TYR A 359 27.40 11.87 16.54
CA TYR A 359 28.72 12.43 16.32
C TYR A 359 28.95 12.73 14.86
N LEU A 360 29.34 13.96 14.56
CA LEU A 360 29.80 14.34 13.22
C LEU A 360 31.12 15.10 13.31
N VAL A 361 32.19 14.44 12.87
CA VAL A 361 33.54 14.98 12.95
C VAL A 361 33.67 16.40 12.43
N GLY A 364 34.52 20.08 11.39
CA GLY A 364 35.93 20.16 11.72
C GLY A 364 36.73 18.96 11.24
N PRO A 365 37.87 19.19 10.56
CA PRO A 365 38.79 18.21 9.92
C PRO A 365 39.27 17.09 10.88
N LEU A 366 39.87 15.99 10.40
CA LEU A 366 40.16 15.71 8.98
C LEU A 366 39.14 14.74 8.35
N LYS A 367 37.88 14.92 8.71
CA LYS A 367 36.79 14.06 8.25
C LYS A 367 35.46 14.79 8.13
N ASN A 368 34.51 14.17 7.43
CA ASN A 368 33.11 14.57 7.52
C ASN A 368 32.25 13.35 7.76
N LEU A 369 32.82 12.42 8.52
CA LEU A 369 32.20 11.16 8.85
C LEU A 369 31.17 11.36 9.94
N GLY A 370 29.90 11.13 9.63
CA GLY A 370 28.85 11.28 10.61
C GLY A 370 28.40 9.93 11.14
N ILE A 371 27.95 9.92 12.39
CA ILE A 371 27.35 8.73 12.98
C ILE A 371 26.22 9.11 13.93
N LYS A 372 25.07 8.45 13.76
CA LYS A 372 23.88 8.81 14.49
C LYS A 372 23.16 7.55 14.98
N LEU A 373 22.80 7.53 16.26
CA LEU A 373 22.05 6.41 16.85
C LEU A 373 20.67 6.92 17.30
N ARG A 374 19.59 6.34 16.78
CA ARG A 374 18.27 6.82 17.12
C ARG A 374 17.47 5.73 17.77
N ASN A 375 16.84 6.07 18.88
CA ASN A 375 16.18 5.08 19.71
C ASN A 375 14.77 5.54 19.99
N GLY A 376 13.83 4.67 19.74
CA GLY A 376 12.43 5.05 19.86
C GLY A 376 11.70 3.99 20.64
N THR A 377 11.01 4.41 21.70
CA THR A 377 10.10 3.55 22.41
C THR A 377 8.70 4.13 22.39
N PHE A 378 7.77 3.35 21.86
CA PHE A 378 6.39 3.78 21.71
C PHE A 378 5.43 2.77 22.34
N ARG A 379 4.43 3.29 23.07
CA ARG A 379 3.42 2.43 23.67
C ARG A 379 2.03 3.06 23.58
N SER A 380 1.00 2.21 23.50
CA SER A 380 -0.37 2.69 23.54
C SER A 380 -1.25 1.80 24.42
N ASP A 381 -2.55 2.10 24.49
CA ASP A 381 -3.51 1.29 25.23
C ASP A 381 -4.58 0.72 24.28
N PHE A 382 -4.38 0.92 22.97
CA PHE A 382 -5.34 0.48 21.98
C PHE A 382 -4.73 -0.48 20.94
N GLY A 383 -3.47 -0.83 21.11
CA GLY A 383 -2.86 -1.78 20.21
C GLY A 383 -1.36 -1.80 20.22
N ASN A 384 -0.78 -1.12 19.24
CA ASN A 384 0.65 -1.20 18.96
C ASN A 384 1.62 -0.98 20.12
N ASP A 385 2.83 -1.48 19.93
CA ASP A 385 3.88 -1.32 20.92
C ASP A 385 5.14 -1.58 20.13
N ILE A 386 5.98 -0.56 20.02
CA ILE A 386 7.07 -0.64 19.09
C ILE A 386 8.38 -0.20 19.76
N ASP A 387 9.41 -0.98 19.58
CA ASP A 387 10.74 -0.59 19.97
C ASP A 387 11.52 -0.49 18.69
N GLU A 388 12.25 0.61 18.48
CA GLU A 388 12.96 0.83 17.24
C GLU A 388 14.35 1.40 17.47
N THR A 389 15.32 0.87 16.75
CA THR A 389 16.68 1.39 16.81
C THR A 389 17.21 1.62 15.40
N ARG A 390 17.92 2.74 15.22
CA ARG A 390 18.53 3.09 13.95
C ARG A 390 19.98 3.53 14.13
N LEU A 391 20.93 2.80 13.54
CA LEU A 391 22.30 3.27 13.54
C LEU A 391 22.66 3.81 12.15
N ILE A 392 23.24 5.00 12.09
CA ILE A 392 23.59 5.56 10.81
C ILE A 392 25.01 6.08 10.81
N VAL A 393 25.75 5.71 9.76
CA VAL A 393 27.08 6.18 9.49
C VAL A 393 27.03 6.85 8.17
N SER A 394 27.44 8.12 8.10
CA SER A 394 27.32 8.88 6.86
C SER A 394 28.56 9.67 6.60
N TYR A 395 29.08 9.55 5.39
CA TYR A 395 30.21 10.34 4.95
C TYR A 395 29.87 11.04 3.66
N ALA A 396 29.94 12.36 3.62
CA ALA A 396 29.66 13.09 2.39
C ALA A 396 30.84 13.95 1.96
N LEU A 397 31.09 13.97 0.66
CA LEU A 397 32.32 14.52 0.15
C LEU A 397 32.07 15.31 -1.12
N PRO A 398 32.37 16.63 -1.10
CA PRO A 398 32.22 17.51 -2.27
C PRO A 398 33.12 17.03 -3.37
N LEU A 399 32.59 16.75 -4.56
CA LEU A 399 33.44 16.19 -5.62
C LEU A 399 34.39 17.25 -6.20
N TRP A 400 34.26 18.48 -5.72
CA TRP A 400 35.22 19.54 -5.98
C TRP A 400 34.87 20.81 -5.19
N PHE B 9 -3.12 -40.46 12.48
CA PHE B 9 -3.76 -39.58 11.53
C PHE B 9 -4.89 -40.27 10.77
N ALA B 10 -5.89 -40.76 11.49
CA ALA B 10 -7.05 -41.40 10.87
C ALA B 10 -7.83 -40.37 10.07
N ASP B 11 -8.66 -40.84 9.13
CA ASP B 11 -9.23 -39.98 8.09
C ASP B 11 -8.07 -39.16 7.53
N GLY B 12 -7.81 -37.99 8.13
CA GLY B 12 -6.68 -37.14 7.78
C GLY B 12 -6.70 -36.71 6.33
N LYS B 13 -5.68 -35.98 5.91
CA LYS B 13 -5.57 -35.51 4.52
C LYS B 13 -4.32 -34.63 4.39
N ALA B 14 -3.58 -34.80 3.30
CA ALA B 14 -2.41 -33.97 3.11
C ALA B 14 -2.10 -33.76 1.64
N GLY B 15 -0.84 -33.56 1.34
CA GLY B 15 -0.44 -33.31 -0.02
C GLY B 15 0.30 -32.00 -0.12
N LEU B 16 1.36 -32.00 -0.92
CA LEU B 16 2.05 -30.76 -1.21
C LEU B 16 1.96 -30.29 -2.64
N GLU B 17 2.46 -29.08 -2.87
CA GLU B 17 2.43 -28.52 -4.20
C GLU B 17 3.79 -27.87 -4.48
N LEU B 18 4.32 -28.13 -5.67
CA LEU B 18 5.47 -27.39 -6.17
C LEU B 18 4.97 -26.42 -7.25
N ARG B 19 5.56 -25.23 -7.29
CA ARG B 19 5.06 -24.17 -8.13
C ARG B 19 6.20 -23.33 -8.67
N ASN B 20 6.23 -23.20 -10.00
CA ASN B 20 7.25 -22.44 -10.70
C ASN B 20 6.55 -21.38 -11.50
N PHE B 21 6.98 -20.15 -11.31
CA PHE B 21 6.15 -19.03 -11.71
C PHE B 21 6.99 -17.97 -12.36
N TYR B 22 7.02 -17.95 -13.68
CA TYR B 22 7.58 -16.80 -14.39
C TYR B 22 6.47 -15.82 -14.77
N PHE B 23 6.78 -14.53 -14.68
CA PHE B 23 5.79 -13.50 -14.90
C PHE B 23 6.49 -12.27 -15.43
N ASN B 24 5.74 -11.43 -16.10
CA ASN B 24 6.35 -10.45 -16.95
C ASN B 24 5.28 -9.41 -17.22
N ARG B 25 5.61 -8.14 -17.04
CA ARG B 25 4.60 -7.08 -17.20
C ARG B 25 5.20 -5.77 -17.69
N ASP B 26 5.03 -5.51 -18.99
CA ASP B 26 5.41 -4.25 -19.62
C ASP B 26 4.25 -3.25 -19.40
N TYR B 27 4.54 -2.21 -18.60
CA TYR B 27 3.52 -1.29 -18.10
C TYR B 27 3.79 0.11 -18.60
N ARG B 28 2.80 0.69 -19.32
CA ARG B 28 2.97 2.02 -19.98
C ARG B 28 1.86 3.05 -19.68
N GLN B 29 2.20 4.32 -19.92
CA GLN B 29 1.35 5.47 -19.60
C GLN B 29 1.20 6.42 -20.81
N SER B 33 6.39 7.21 -19.97
CA SER B 33 6.56 6.64 -18.64
C SER B 33 6.41 5.11 -18.60
N GLN B 34 7.41 4.39 -19.13
CA GLN B 34 7.41 2.92 -19.23
C GLN B 34 8.11 2.23 -18.04
N SER B 35 7.50 1.15 -17.53
CA SER B 35 8.14 0.28 -16.55
C SER B 35 8.07 -1.14 -17.06
N TYR B 36 9.00 -1.99 -16.62
CA TYR B 36 9.06 -3.37 -17.12
C TYR B 36 9.44 -4.38 -16.05
N SER B 37 8.46 -5.01 -15.41
CA SER B 37 8.71 -5.89 -14.27
C SER B 37 8.84 -7.34 -14.71
N GLU B 38 9.74 -8.08 -14.07
CA GLU B 38 9.86 -9.50 -14.33
C GLU B 38 9.97 -10.19 -13.00
N GLU B 39 9.39 -11.39 -12.88
CA GLU B 39 9.55 -12.17 -11.68
C GLU B 39 9.74 -13.64 -12.01
N TRP B 40 10.75 -14.24 -11.40
CA TRP B 40 10.97 -15.69 -11.44
C TRP B 40 10.78 -16.12 -9.98
N ALA B 41 10.03 -17.20 -9.77
CA ALA B 41 9.73 -17.60 -8.41
C ALA B 41 9.41 -19.08 -8.34
N GLN B 42 9.79 -19.71 -7.24
CA GLN B 42 9.52 -21.14 -7.01
C GLN B 42 8.87 -21.28 -5.63
N GLY B 43 7.91 -22.18 -5.49
CA GLY B 43 7.25 -22.30 -4.18
C GLY B 43 6.85 -23.70 -3.78
N PHE B 44 6.90 -23.99 -2.48
CA PHE B 44 6.44 -25.28 -1.94
C PHE B 44 5.25 -25.01 -1.02
N LEU B 45 4.14 -25.69 -1.28
CA LEU B 45 2.97 -25.58 -0.41
C LEU B 45 2.72 -26.94 0.15
N LEU B 46 2.85 -27.08 1.46
CA LEU B 46 2.45 -28.31 2.15
C LEU B 46 1.14 -28.01 2.83
N ARG B 47 0.17 -28.91 2.74
CA ARG B 47 -1.11 -28.59 3.34
C ARG B 47 -1.65 -29.79 4.08
N TYR B 48 -1.95 -29.60 5.36
CA TYR B 48 -2.42 -30.68 6.22
C TYR B 48 -3.82 -30.34 6.70
N GLU B 49 -4.77 -31.21 6.35
CA GLU B 49 -6.16 -31.06 6.73
C GLU B 49 -6.58 -32.27 7.54
N SER B 50 -6.37 -32.19 8.86
CA SER B 50 -6.70 -33.28 9.78
C SER B 50 -8.18 -33.63 9.87
N GLY B 51 -8.48 -34.69 10.62
CA GLY B 51 -9.84 -35.10 10.86
C GLY B 51 -10.29 -34.69 12.25
N TYR B 52 -11.54 -34.97 12.57
CA TYR B 52 -12.14 -34.52 13.83
C TYR B 52 -12.17 -35.57 14.95
N THR B 53 -12.06 -35.12 16.21
CA THR B 53 -12.22 -36.03 17.34
C THR B 53 -13.67 -36.48 17.32
N GLU B 54 -13.88 -37.76 17.62
CA GLU B 54 -15.22 -38.33 17.63
C GLU B 54 -16.01 -37.67 18.75
N GLY B 55 -17.32 -37.55 18.53
CA GLY B 55 -18.20 -36.94 19.52
C GLY B 55 -19.29 -36.04 18.95
N LEU B 56 -20.20 -35.60 19.80
CA LEU B 56 -21.26 -34.68 19.42
C LEU B 56 -20.66 -33.41 18.87
N PHE B 57 -19.46 -33.08 19.34
CA PHE B 57 -18.64 -32.05 18.73
C PHE B 57 -17.21 -32.53 18.51
N GLY B 58 -16.67 -32.22 17.34
CA GLY B 58 -15.36 -32.69 16.98
C GLY B 58 -14.39 -31.53 16.97
N LEU B 59 -13.16 -31.82 17.39
CA LEU B 59 -12.13 -30.81 17.38
C LEU B 59 -11.11 -31.21 16.33
N GLY B 60 -10.67 -30.22 15.53
CA GLY B 60 -9.74 -30.47 14.45
C GLY B 60 -8.73 -29.35 14.26
N VAL B 61 -7.72 -29.62 13.43
CA VAL B 61 -6.67 -28.63 13.13
C VAL B 61 -6.10 -28.73 11.70
N ASP B 62 -5.98 -27.57 11.04
CA ASP B 62 -5.36 -27.46 9.73
C ASP B 62 -3.99 -26.82 9.84
N ALA B 63 -3.07 -27.25 8.98
CA ALA B 63 -1.76 -26.62 8.87
C ALA B 63 -1.55 -26.21 7.41
N LEU B 64 -0.93 -25.05 7.20
CA LEU B 64 -0.56 -24.62 5.86
C LEU B 64 0.90 -24.23 5.86
N GLY B 65 1.73 -24.99 5.17
CA GLY B 65 3.16 -24.69 5.11
C GLY B 65 3.59 -24.09 3.79
N LEU B 66 4.22 -22.92 3.83
CA LEU B 66 4.68 -22.26 2.63
C LEU B 66 6.15 -22.10 2.68
N LEU B 67 6.81 -22.31 1.55
CA LEU B 67 8.23 -22.12 1.49
C LEU B 67 8.50 -21.67 0.07
N GLY B 68 9.44 -20.74 -0.12
CA GLY B 68 9.66 -20.25 -1.47
C GLY B 68 10.63 -19.11 -1.69
N VAL B 69 10.94 -18.84 -2.95
CA VAL B 69 11.91 -17.82 -3.28
C VAL B 69 11.52 -17.01 -4.54
N ARG B 70 11.74 -15.70 -4.52
CA ARG B 70 11.39 -14.86 -5.63
C ARG B 70 12.66 -14.29 -6.15
N LEU B 71 12.54 -13.51 -7.21
CA LEU B 71 13.64 -12.87 -7.91
C LEU B 71 13.00 -11.83 -8.76
N ASP B 72 13.17 -10.58 -8.39
CA ASP B 72 12.49 -9.55 -9.13
C ASP B 72 13.43 -8.60 -9.83
N SER B 73 13.01 -8.16 -11.01
CA SER B 73 13.65 -7.07 -11.70
C SER B 73 12.53 -6.12 -12.17
N SER B 74 12.80 -4.83 -12.12
CA SER B 74 11.86 -3.84 -12.60
C SER B 74 12.63 -2.56 -12.81
N PRO B 75 13.00 -2.25 -14.05
CA PRO B 75 13.80 -1.04 -14.15
C PRO B 75 12.96 0.20 -14.32
N GLU B 76 12.21 0.38 -15.40
CA GLU B 76 11.39 1.61 -15.55
C GLU B 76 12.18 2.91 -15.89
N ARG B 77 11.53 3.78 -16.67
CA ARG B 77 12.07 5.05 -17.15
C ARG B 77 10.90 5.99 -17.39
N SER B 78 11.13 7.30 -17.25
CA SER B 78 10.07 8.28 -17.48
C SER B 78 9.80 8.43 -18.99
N TYR B 85 13.00 13.83 -16.65
CA TYR B 85 13.64 12.57 -16.99
C TYR B 85 13.88 11.75 -15.74
N SER B 86 14.10 10.44 -15.92
CA SER B 86 14.26 9.50 -14.81
C SER B 86 14.51 8.09 -15.38
N THR B 87 15.40 7.35 -14.73
CA THR B 87 15.78 6.01 -15.16
C THR B 87 16.18 5.21 -13.95
N SER B 88 15.53 4.07 -13.76
CA SER B 88 15.80 3.24 -12.61
C SER B 88 16.11 1.83 -13.09
N ASP B 89 16.87 1.08 -12.31
CA ASP B 89 16.95 -0.36 -12.50
C ASP B 89 17.11 -0.98 -11.13
N ARG B 90 16.31 -2.01 -10.85
CA ARG B 90 16.22 -2.55 -9.49
C ARG B 90 16.04 -4.08 -9.53
N ARG B 91 16.84 -4.79 -8.73
CA ARG B 91 16.79 -6.25 -8.66
C ARG B 91 16.44 -6.67 -7.23
N ALA B 92 15.76 -7.81 -7.05
CA ALA B 92 15.44 -8.26 -5.69
C ALA B 92 15.39 -9.78 -5.53
N ALA B 93 15.70 -10.26 -4.34
CA ALA B 93 15.54 -11.68 -4.02
C ALA B 93 14.89 -11.83 -2.65
N HIS B 94 13.90 -12.69 -2.54
CA HIS B 94 13.26 -12.91 -1.25
C HIS B 94 13.15 -14.40 -1.06
N ASP B 95 13.31 -14.89 0.16
CA ASP B 95 12.82 -16.21 0.51
C ASP B 95 12.09 -16.09 1.80
N TYR B 96 11.09 -16.95 1.95
CA TYR B 96 10.17 -16.90 3.06
C TYR B 96 9.89 -18.34 3.47
N SER B 97 9.30 -18.49 4.65
CA SER B 97 8.64 -19.71 5.07
C SER B 97 7.56 -19.32 6.05
N SER B 98 6.53 -20.15 6.17
CA SER B 98 5.38 -19.82 7.00
C SER B 98 4.65 -21.07 7.46
N LEU B 99 4.07 -20.99 8.65
CA LEU B 99 3.17 -22.03 9.14
C LEU B 99 1.88 -21.33 9.48
N GLY B 100 0.75 -21.94 9.13
CA GLY B 100 -0.55 -21.32 9.28
C GLY B 100 -1.57 -22.30 9.80
N LEU B 101 -1.83 -22.20 11.11
CA LEU B 101 -2.69 -23.17 11.76
C LEU B 101 -4.08 -22.63 11.79
N THR B 102 -5.03 -23.54 11.78
CA THR B 102 -6.42 -23.14 11.80
C THR B 102 -7.19 -24.19 12.60
N ALA B 103 -7.91 -23.74 13.62
CA ALA B 103 -8.58 -24.64 14.55
C ALA B 103 -10.03 -24.91 14.16
N LYS B 104 -10.50 -26.14 14.35
CA LYS B 104 -11.84 -26.50 13.88
C LYS B 104 -12.79 -27.02 14.95
N LEU B 105 -14.07 -26.70 14.81
CA LEU B 105 -15.10 -27.30 15.63
C LEU B 105 -16.24 -27.79 14.73
N ARG B 106 -16.62 -29.05 14.86
CA ARG B 106 -17.75 -29.54 14.08
C ARG B 106 -18.90 -30.01 14.97
N VAL B 107 -20.13 -29.67 14.59
CA VAL B 107 -21.30 -30.22 15.24
C VAL B 107 -22.26 -30.66 14.15
N SER B 108 -22.43 -31.97 14.02
CA SER B 108 -23.17 -32.62 12.94
C SER B 108 -22.67 -32.21 11.57
N HIS B 109 -23.33 -31.22 10.97
CA HIS B 109 -22.94 -30.75 9.66
C HIS B 109 -22.63 -29.25 9.65
N SER B 110 -22.34 -28.69 10.82
CA SER B 110 -21.91 -27.28 10.89
C SER B 110 -20.50 -27.13 11.41
N THR B 111 -19.87 -26.01 11.07
CA THR B 111 -18.42 -25.88 11.22
C THR B 111 -17.94 -24.49 11.68
N LEU B 112 -16.96 -24.49 12.59
CA LEU B 112 -16.33 -23.24 12.96
C LEU B 112 -14.83 -23.38 12.81
N LYS B 113 -14.23 -22.48 12.04
CA LYS B 113 -12.78 -22.46 11.88
C LYS B 113 -12.24 -21.15 12.41
N ILE B 114 -11.24 -21.25 13.27
CA ILE B 114 -10.57 -20.08 13.81
C ILE B 114 -9.10 -20.25 13.51
N GLY B 115 -8.48 -19.19 13.01
CA GLY B 115 -7.06 -19.23 12.70
C GLY B 115 -6.90 -18.72 11.29
N THR B 116 -6.18 -19.49 10.46
CA THR B 116 -5.88 -19.15 9.06
C THR B 116 -7.06 -19.46 8.13
N LEU B 117 -7.40 -18.52 7.24
CA LEU B 117 -8.54 -18.68 6.32
C LEU B 117 -8.27 -18.35 4.83
N MET B 118 -8.97 -19.07 3.93
CA MET B 118 -8.90 -18.85 2.48
C MET B 118 -10.28 -18.91 1.83
N PRO B 119 -11.11 -17.90 2.11
CA PRO B 119 -12.55 -17.90 1.82
C PRO B 119 -12.92 -17.81 0.35
N ARG B 120 -14.05 -18.40 0.00
CA ARG B 120 -14.56 -18.37 -1.35
C ARG B 120 -16.01 -17.93 -1.36
N LEU B 121 -16.24 -16.65 -1.12
CA LEU B 121 -17.58 -16.09 -1.09
C LEU B 121 -17.69 -14.78 -1.87
N PRO B 122 -18.89 -14.46 -2.39
CA PRO B 122 -19.18 -13.29 -3.23
C PRO B 122 -18.67 -11.96 -2.70
N VAL B 123 -18.42 -11.88 -1.40
CA VAL B 123 -18.07 -10.62 -0.77
C VAL B 123 -16.60 -10.64 -0.35
N VAL B 124 -16.00 -11.83 -0.37
CA VAL B 124 -14.54 -11.92 -0.25
C VAL B 124 -13.95 -13.18 -0.90
N GLN B 125 -13.10 -12.97 -1.91
CA GLN B 125 -12.45 -14.09 -2.56
C GLN B 125 -10.95 -14.03 -2.48
N PHE B 126 -10.37 -14.99 -1.78
CA PHE B 126 -8.95 -14.98 -1.61
C PHE B 126 -8.30 -15.22 -2.96
N ASN B 127 -7.23 -14.49 -3.23
CA ASN B 127 -6.49 -14.58 -4.48
C ASN B 127 -5.46 -15.67 -4.37
N ASP B 128 -5.28 -16.44 -5.44
CA ASP B 128 -4.29 -17.51 -5.45
C ASP B 128 -3.67 -17.66 -6.83
N THR B 129 -3.23 -16.57 -7.43
CA THR B 129 -2.64 -16.67 -8.75
C THR B 129 -1.29 -16.02 -8.74
N ARG B 130 -0.30 -16.73 -8.22
CA ARG B 130 1.02 -16.18 -7.93
C ARG B 130 1.72 -17.29 -7.17
N LEU B 131 2.64 -16.92 -6.28
CA LEU B 131 3.46 -17.91 -5.62
C LEU B 131 2.74 -18.65 -4.53
N HIS B 132 2.04 -17.91 -3.66
CA HIS B 132 1.25 -18.50 -2.57
C HIS B 132 -0.06 -17.76 -2.35
N PRO B 133 -1.05 -18.43 -1.74
CA PRO B 133 -2.37 -17.86 -1.51
C PRO B 133 -2.36 -16.64 -0.63
N GLN B 134 -3.17 -15.64 -0.97
CA GLN B 134 -3.55 -14.63 0.00
C GLN B 134 -4.39 -15.33 1.07
N THR B 135 -4.01 -15.17 2.33
CA THR B 135 -4.75 -15.81 3.42
C THR B 135 -5.28 -14.74 4.36
N PHE B 136 -6.26 -15.08 5.19
CA PHE B 136 -6.70 -14.13 6.21
C PHE B 136 -6.68 -14.77 7.59
N GLN B 137 -6.52 -13.96 8.63
CA GLN B 137 -6.73 -14.45 10.00
C GLN B 137 -8.12 -13.96 10.43
N GLY B 138 -8.91 -14.86 11.00
CA GLY B 138 -10.27 -14.56 11.38
C GLY B 138 -11.03 -15.84 11.64
N GLY B 139 -12.35 -15.76 11.58
CA GLY B 139 -13.15 -16.91 11.90
C GLY B 139 -14.35 -17.09 11.00
N LEU B 140 -14.69 -18.34 10.76
CA LEU B 140 -15.70 -18.67 9.80
C LEU B 140 -16.65 -19.75 10.29
N LEU B 141 -17.93 -19.47 10.21
CA LEU B 141 -18.96 -20.44 10.57
C LEU B 141 -19.76 -20.83 9.34
N GLU B 142 -19.51 -22.03 8.86
CA GLU B 142 -20.31 -22.59 7.80
C GLU B 142 -21.33 -23.51 8.46
N VAL B 143 -22.60 -23.34 8.11
CA VAL B 143 -23.67 -24.16 8.67
C VAL B 143 -24.69 -24.63 7.62
N ASN B 144 -24.68 -25.93 7.32
CA ASN B 144 -25.69 -26.51 6.42
C ASN B 144 -26.48 -27.63 7.08
N GLU B 145 -27.49 -27.24 7.84
CA GLU B 145 -28.30 -28.18 8.59
C GLU B 145 -29.66 -28.23 7.96
N ILE B 146 -30.03 -27.14 7.31
CA ILE B 146 -31.27 -27.10 6.54
C ILE B 146 -30.96 -27.61 5.14
N ASP B 147 -31.60 -28.72 4.78
CA ASP B 147 -31.34 -29.42 3.53
C ASP B 147 -31.49 -28.58 2.25
N GLY B 148 -30.36 -28.31 1.61
CA GLY B 148 -30.32 -27.50 0.39
C GLY B 148 -29.98 -26.03 0.62
N LEU B 149 -29.28 -25.73 1.70
CA LEU B 149 -28.96 -24.34 2.04
C LEU B 149 -27.77 -24.20 2.96
N ALA B 150 -26.70 -23.64 2.41
CA ALA B 150 -25.46 -23.43 3.15
C ALA B 150 -25.35 -22.00 3.57
N LEU B 151 -25.13 -21.76 4.86
CA LEU B 151 -24.94 -20.40 5.36
C LEU B 151 -23.52 -20.23 5.85
N GLN B 152 -22.97 -19.03 5.70
CA GLN B 152 -21.64 -18.76 6.19
C GLN B 152 -21.72 -17.50 6.99
N PHE B 153 -20.98 -17.49 8.09
CA PHE B 153 -20.84 -16.31 8.94
C PHE B 153 -19.39 -16.24 9.34
N GLY B 154 -18.88 -15.03 9.51
CA GLY B 154 -17.52 -14.89 9.92
C GLY B 154 -17.10 -13.45 10.05
N GLN B 155 -15.92 -13.27 10.63
CA GLN B 155 -15.23 -12.00 10.49
C GLN B 155 -13.76 -12.31 10.33
N LEU B 156 -13.10 -11.48 9.52
CA LEU B 156 -11.67 -11.57 9.24
C LEU B 156 -11.04 -10.33 9.79
N ARG B 157 -9.86 -10.45 10.39
CA ARG B 157 -9.26 -9.34 11.12
C ARG B 157 -7.99 -8.84 10.42
N GLN B 158 -7.32 -9.75 9.74
CA GLN B 158 -6.08 -9.44 9.08
C GLN B 158 -5.86 -10.28 7.84
N VAL B 159 -5.02 -9.78 6.93
CA VAL B 159 -4.75 -10.44 5.66
C VAL B 159 -3.26 -10.62 5.51
N LYS B 160 -2.82 -11.72 4.91
CA LYS B 160 -1.44 -11.82 4.47
C LYS B 160 -1.50 -11.84 2.97
N GLN B 161 -1.03 -10.77 2.34
CA GLN B 161 -1.14 -10.65 0.90
C GLN B 161 -0.27 -11.68 0.21
N ARG B 162 -0.57 -11.98 -1.05
CA ARG B 162 0.08 -13.09 -1.77
C ARG B 162 1.56 -12.89 -2.02
N ASP B 163 2.09 -11.75 -1.59
CA ASP B 163 3.50 -11.47 -1.78
C ASP B 163 4.16 -11.05 -0.50
N SER B 164 3.48 -11.25 0.62
CA SER B 164 4.08 -11.01 1.92
C SER B 164 3.75 -12.17 2.86
N THR B 165 4.63 -12.38 3.82
CA THR B 165 4.37 -13.36 4.86
C THR B 165 4.25 -12.60 6.17
N ASN B 166 4.12 -11.30 6.06
CA ASN B 166 3.86 -10.42 7.19
C ASN B 166 2.43 -9.92 7.03
N ALA B 167 1.55 -10.22 7.99
CA ALA B 167 0.15 -9.79 7.92
C ALA B 167 0.03 -8.27 7.95
N GLU B 168 -1.01 -7.75 7.30
CA GLU B 168 -1.32 -6.33 7.36
C GLU B 168 -2.83 -6.12 7.43
N ASP B 169 -3.26 -4.91 7.77
CA ASP B 169 -4.66 -4.68 8.12
C ASP B 169 -5.55 -4.65 6.90
N LEU B 170 -6.81 -4.99 7.07
CA LEU B 170 -7.70 -5.06 5.92
C LEU B 170 -7.88 -3.67 5.34
N GLY B 171 -7.90 -3.61 4.01
CA GLY B 171 -8.09 -2.37 3.26
C GLY B 171 -9.10 -2.52 2.13
N ILE B 172 -9.15 -1.53 1.26
CA ILE B 172 -10.08 -1.54 0.14
C ILE B 172 -9.29 -1.29 -1.15
N THR B 173 -9.67 -1.92 -2.24
CA THR B 173 -8.96 -1.73 -3.52
C THR B 173 -9.24 -0.31 -4.03
N ARG B 174 -8.20 0.52 -4.08
CA ARG B 174 -8.36 1.94 -4.41
C ARG B 174 -7.69 2.27 -5.74
N GLY B 175 -7.41 3.55 -5.95
CA GLY B 175 -6.65 4.00 -7.10
C GLY B 175 -7.34 3.87 -8.44
N ASN B 176 -6.59 4.10 -9.51
CA ASN B 176 -7.06 4.03 -10.89
C ASN B 176 -8.15 5.05 -11.19
N LYS B 177 -9.40 4.60 -11.23
CA LYS B 177 -10.51 5.49 -11.54
C LYS B 177 -11.75 5.04 -10.78
N ARG B 178 -11.56 4.05 -9.91
CA ARG B 178 -12.58 3.55 -9.00
C ARG B 178 -13.30 4.60 -8.11
N ASN B 179 -12.59 5.62 -7.63
CA ASN B 179 -13.16 6.67 -6.76
C ASN B 179 -13.44 6.28 -5.30
N VAL B 180 -12.62 5.41 -4.71
CA VAL B 180 -12.92 4.85 -3.39
C VAL B 180 -12.49 5.67 -2.14
N LEU B 181 -11.40 6.45 -2.21
CA LEU B 181 -11.05 7.42 -1.13
C LEU B 181 -10.98 6.79 0.31
N SER B 188 -9.57 -1.06 8.68
CA SER B 188 -9.87 -1.59 10.01
C SER B 188 -9.12 -2.87 10.33
N ASP B 189 -9.71 -3.60 11.25
CA ASP B 189 -9.27 -4.94 11.59
C ASP B 189 -10.55 -5.77 11.72
N ARG B 190 -11.59 -5.36 10.99
CA ARG B 190 -12.90 -6.01 11.15
C ARG B 190 -13.73 -6.02 9.87
N PHE B 191 -13.70 -7.17 9.21
CA PHE B 191 -14.52 -7.40 8.05
C PHE B 191 -15.50 -8.45 8.47
N ASP B 192 -16.72 -8.02 8.76
CA ASP B 192 -17.76 -8.97 9.13
C ASP B 192 -18.48 -9.40 7.86
N PHE B 193 -18.97 -10.64 7.83
CA PHE B 193 -19.74 -11.11 6.67
C PHE B 193 -20.69 -12.18 7.12
N ALA B 194 -21.80 -12.30 6.39
CA ALA B 194 -22.80 -13.32 6.66
C ALA B 194 -23.61 -13.52 5.40
N GLY B 195 -24.03 -14.76 5.15
CA GLY B 195 -24.86 -15.02 4.00
C GLY B 195 -25.10 -16.49 3.77
N GLY B 196 -25.46 -16.83 2.54
CA GLY B 196 -25.74 -18.21 2.17
C GLY B 196 -26.34 -18.41 0.79
N THR B 197 -26.42 -19.67 0.37
CA THR B 197 -26.95 -19.98 -0.94
C THR B 197 -27.92 -21.18 -0.95
N TYR B 198 -29.16 -20.94 -1.40
CA TYR B 198 -30.21 -21.97 -1.48
C TYR B 198 -30.22 -22.60 -2.87
N ARG B 199 -30.16 -23.93 -2.91
CA ARG B 199 -30.22 -24.67 -4.15
C ARG B 199 -31.66 -25.05 -4.44
N TRP B 200 -32.36 -24.15 -5.12
CA TRP B 200 -33.77 -24.29 -5.43
C TRP B 200 -34.06 -25.60 -6.16
N SER B 201 -33.24 -25.94 -7.14
CA SER B 201 -33.38 -27.23 -7.80
C SER B 201 -32.04 -27.93 -7.87
N GLU B 202 -31.96 -28.97 -8.69
CA GLU B 202 -30.71 -29.66 -8.89
C GLU B 202 -29.78 -28.81 -9.75
N ARG B 203 -30.31 -27.72 -10.30
CA ARG B 203 -29.56 -26.84 -11.18
C ARG B 203 -30.14 -25.42 -11.18
N LEU B 204 -30.42 -24.88 -9.99
CA LEU B 204 -30.81 -23.48 -9.85
C LEU B 204 -30.38 -22.94 -8.49
N SER B 205 -29.15 -22.44 -8.41
CA SER B 205 -28.67 -21.80 -7.18
C SER B 205 -29.20 -20.36 -7.09
N SER B 206 -29.38 -19.88 -5.86
CA SER B 206 -29.63 -18.46 -5.59
C SER B 206 -28.88 -18.02 -4.35
N SER B 207 -28.02 -17.01 -4.46
CA SER B 207 -27.22 -16.63 -3.31
C SER B 207 -27.64 -15.28 -2.77
N TYR B 208 -27.39 -15.06 -1.48
CA TYR B 208 -27.43 -13.73 -0.92
C TYR B 208 -26.34 -13.59 0.16
N HIS B 209 -25.49 -12.57 0.04
CA HIS B 209 -24.45 -12.31 1.06
C HIS B 209 -24.35 -10.86 1.49
N TYR B 210 -24.02 -10.66 2.75
CA TYR B 210 -23.80 -9.32 3.27
C TYR B 210 -22.34 -9.20 3.72
N ALA B 211 -21.74 -8.05 3.51
CA ALA B 211 -20.43 -7.79 4.08
C ALA B 211 -20.33 -6.40 4.68
N ASN B 212 -19.38 -6.23 5.58
CA ASN B 212 -19.13 -4.95 6.22
C ASN B 212 -17.70 -4.82 6.73
N LEU B 213 -16.95 -3.89 6.13
CA LEU B 213 -15.62 -3.56 6.61
C LEU B 213 -15.72 -2.30 7.45
N GLU B 214 -15.58 -2.47 8.78
CA GLU B 214 -15.64 -1.38 9.78
C GLU B 214 -15.05 -0.05 9.32
N ASP B 215 -15.86 1.00 9.36
CA ASP B 215 -15.46 2.37 8.98
C ASP B 215 -15.24 2.56 7.47
N PHE B 216 -15.50 1.53 6.68
CA PHE B 216 -15.30 1.63 5.24
C PHE B 216 -16.63 1.46 4.50
N TYR B 217 -17.03 0.22 4.24
CA TYR B 217 -18.22 -0.03 3.42
C TYR B 217 -19.17 -1.14 3.89
N ARG B 218 -20.43 -1.05 3.43
CA ARG B 218 -21.43 -2.08 3.60
C ARG B 218 -21.90 -2.58 2.23
N GLN B 219 -21.79 -3.89 2.00
CA GLN B 219 -22.07 -4.45 0.68
C GLN B 219 -23.14 -5.54 0.74
N HIS B 220 -24.08 -5.49 -0.18
CA HIS B 220 -25.05 -6.57 -0.35
C HIS B 220 -24.77 -7.25 -1.66
N HIS B 221 -25.06 -8.53 -1.73
CA HIS B 221 -24.68 -9.30 -2.90
C HIS B 221 -25.65 -10.41 -3.21
N LEU B 222 -26.46 -10.17 -4.24
CA LEU B 222 -27.44 -11.12 -4.77
C LEU B 222 -26.92 -11.88 -5.99
N GLY B 223 -27.06 -13.20 -5.97
CA GLY B 223 -26.66 -14.00 -7.10
C GLY B 223 -27.72 -15.04 -7.44
N VAL B 224 -27.79 -15.37 -8.72
CA VAL B 224 -28.61 -16.45 -9.25
C VAL B 224 -27.82 -17.16 -10.33
N GLN B 225 -27.61 -18.45 -10.16
CA GLN B 225 -26.99 -19.25 -11.21
C GLN B 225 -28.04 -20.22 -11.68
N HIS B 226 -28.08 -20.44 -12.99
CA HIS B 226 -29.01 -21.38 -13.59
C HIS B 226 -28.28 -22.10 -14.71
N LEU B 227 -28.13 -23.41 -14.54
CA LEU B 227 -27.67 -24.25 -15.61
C LEU B 227 -28.92 -24.72 -16.36
N LEU B 228 -28.78 -25.03 -17.65
CA LEU B 228 -29.93 -25.43 -18.46
C LEU B 228 -29.51 -26.42 -19.54
N PRO B 229 -29.68 -27.72 -19.25
CA PRO B 229 -29.37 -28.70 -20.29
C PRO B 229 -30.43 -28.64 -21.38
N LEU B 230 -29.99 -28.49 -22.63
CA LEU B 230 -30.89 -28.48 -23.80
C LEU B 230 -31.30 -29.86 -24.37
N ALA B 231 -30.39 -30.82 -24.54
CA ALA B 231 -28.96 -30.72 -24.29
C ALA B 231 -28.26 -31.68 -25.19
N ASP B 232 -27.48 -32.51 -24.52
CA ASP B 232 -26.84 -33.68 -25.09
C ASP B 232 -26.14 -33.34 -26.41
N ASP B 233 -24.92 -32.83 -26.31
CA ASP B 233 -24.32 -32.44 -25.05
C ASP B 233 -24.08 -30.94 -25.12
N GLN B 234 -25.11 -30.17 -24.79
CA GLN B 234 -24.97 -28.74 -24.83
C GLN B 234 -25.92 -28.11 -23.86
N SER B 235 -25.41 -27.20 -23.05
CA SER B 235 -26.22 -26.46 -22.09
C SER B 235 -25.91 -24.97 -22.15
N LEU B 236 -26.60 -24.20 -21.30
CA LEU B 236 -26.41 -22.75 -21.26
C LEU B 236 -26.39 -22.26 -19.81
N LYS B 237 -25.24 -21.80 -19.34
CA LYS B 237 -25.15 -21.34 -17.97
C LYS B 237 -25.50 -19.86 -17.88
N SER B 238 -26.36 -19.52 -16.93
CA SER B 238 -26.68 -18.11 -16.70
C SER B 238 -26.18 -17.74 -15.32
N ASP B 239 -25.29 -16.76 -15.27
CA ASP B 239 -24.73 -16.33 -14.00
C ASP B 239 -25.04 -14.87 -13.88
N ILE B 240 -26.06 -14.56 -13.09
CA ILE B 240 -26.56 -13.21 -13.02
C ILE B 240 -26.38 -12.70 -11.60
N ARG B 241 -25.65 -11.58 -11.49
CA ARG B 241 -25.21 -11.05 -10.22
C ARG B 241 -25.63 -9.60 -10.03
N TRP B 242 -25.93 -9.23 -8.80
CA TRP B 242 -26.18 -7.84 -8.46
C TRP B 242 -25.56 -7.57 -7.10
N ALA B 243 -24.98 -6.38 -6.90
CA ALA B 243 -24.41 -5.99 -5.62
C ALA B 243 -24.61 -4.52 -5.30
N ARG B 244 -24.62 -4.16 -4.01
CA ARG B 244 -24.73 -2.77 -3.65
C ARG B 244 -23.78 -2.43 -2.50
N SER B 245 -22.91 -1.45 -2.75
CA SER B 245 -21.95 -1.01 -1.76
C SER B 245 -22.45 0.34 -1.28
N THR B 246 -22.36 0.58 0.03
CA THR B 246 -22.69 1.87 0.60
C THR B 246 -21.57 2.29 1.53
N ASP B 247 -21.56 3.56 1.91
CA ASP B 247 -20.54 4.10 2.77
C ASP B 247 -20.82 3.80 4.24
N GLU B 248 -19.77 3.82 5.06
CA GLU B 248 -19.98 3.77 6.49
C GLU B 248 -19.50 5.07 7.15
N GLY B 249 -18.38 5.60 6.68
CA GLY B 249 -17.84 6.84 7.23
C GLY B 249 -17.85 8.00 6.25
N ARG B 252 -15.64 7.67 1.88
CA ARG B 252 -16.97 7.17 1.54
C ARG B 252 -17.06 6.63 0.11
N VAL B 253 -17.73 5.49 -0.04
CA VAL B 253 -18.02 4.92 -1.35
C VAL B 253 -19.52 4.72 -1.48
N ASN B 254 -19.98 4.57 -2.71
CA ASN B 254 -21.38 4.32 -2.96
C ASN B 254 -21.44 3.68 -4.34
N ASN B 255 -21.93 2.45 -4.42
CA ASN B 255 -21.86 1.66 -5.65
C ASN B 255 -22.99 0.66 -5.82
N ARG B 256 -23.48 0.56 -7.05
CA ARG B 256 -24.34 -0.55 -7.47
C ARG B 256 -23.59 -1.18 -8.62
N ALA B 257 -23.54 -2.50 -8.60
CA ALA B 257 -22.88 -3.24 -9.65
C ALA B 257 -23.82 -4.30 -10.16
N LEU B 258 -24.26 -4.18 -11.41
CA LEU B 258 -25.00 -5.26 -12.02
C LEU B 258 -24.04 -5.96 -12.96
N ASN B 259 -24.01 -7.29 -12.97
CA ASN B 259 -23.13 -8.00 -13.88
C ASN B 259 -23.59 -9.45 -14.10
N ALA B 260 -23.54 -9.89 -15.35
CA ALA B 260 -24.05 -11.20 -15.70
C ALA B 260 -23.24 -11.83 -16.82
N LEU B 261 -23.04 -13.14 -16.75
CA LEU B 261 -22.40 -13.87 -17.82
C LEU B 261 -23.32 -14.96 -18.30
N PHE B 262 -23.38 -15.15 -19.61
CA PHE B 262 -24.09 -16.29 -20.19
C PHE B 262 -23.10 -17.11 -21.03
N THR B 263 -22.97 -18.38 -20.67
CA THR B 263 -22.00 -19.23 -21.33
C THR B 263 -22.72 -20.40 -21.98
N TYR B 264 -22.70 -20.40 -23.31
CA TYR B 264 -23.33 -21.47 -24.09
C TYR B 264 -22.34 -22.57 -24.41
N ARG B 265 -22.62 -23.73 -23.86
CA ARG B 265 -21.71 -24.86 -23.91
C ARG B 265 -22.17 -25.79 -25.02
N LEU B 266 -21.23 -26.28 -25.82
CA LEU B 266 -21.54 -27.14 -26.96
C LEU B 266 -20.35 -28.06 -27.23
N GLY B 267 -20.45 -29.30 -26.78
CA GLY B 267 -19.35 -30.24 -26.96
C GLY B 267 -18.13 -29.79 -26.18
N GLY B 268 -17.05 -29.46 -26.89
CA GLY B 268 -15.85 -28.92 -26.28
C GLY B 268 -15.73 -27.41 -26.41
N HIS B 269 -16.75 -26.76 -26.97
CA HIS B 269 -16.74 -25.31 -27.16
C HIS B 269 -17.56 -24.61 -26.08
N ALA B 270 -17.16 -23.38 -25.74
CA ALA B 270 -17.94 -22.58 -24.81
C ALA B 270 -17.95 -21.13 -25.26
N PHE B 271 -19.15 -20.60 -25.51
CA PHE B 271 -19.24 -19.25 -25.98
C PHE B 271 -19.91 -18.42 -24.91
N GLY B 272 -19.18 -17.42 -24.45
CA GLY B 272 -19.64 -16.64 -23.34
C GLY B 272 -19.71 -15.18 -23.72
N LEU B 273 -20.87 -14.59 -23.42
CA LEU B 273 -21.09 -13.16 -23.54
C LEU B 273 -21.30 -12.68 -22.12
N GLY B 274 -20.64 -11.59 -21.74
CA GLY B 274 -20.82 -11.00 -20.41
C GLY B 274 -21.02 -9.49 -20.40
N TYR B 275 -21.97 -9.03 -19.59
CA TYR B 275 -22.19 -7.59 -19.41
C TYR B 275 -21.98 -7.18 -17.94
N GLN B 276 -21.43 -5.98 -17.75
CA GLN B 276 -21.14 -5.51 -16.40
C GLN B 276 -21.23 -3.99 -16.40
N ARG B 277 -22.03 -3.45 -15.48
CA ARG B 277 -22.22 -2.00 -15.37
C ARG B 277 -22.04 -1.47 -13.93
N MET B 278 -21.19 -0.46 -13.78
CA MET B 278 -20.99 0.23 -12.51
C MET B 278 -21.87 1.48 -12.45
N SER B 279 -22.47 1.69 -11.29
CA SER B 279 -23.34 2.82 -11.12
C SER B 279 -23.01 3.42 -9.76
N GLY B 280 -23.40 4.67 -9.53
CA GLY B 280 -23.11 5.33 -8.28
C GLY B 280 -21.78 6.06 -8.29
N ASP B 281 -21.41 6.57 -7.12
CA ASP B 281 -20.29 7.51 -6.97
C ASP B 281 -18.90 6.90 -7.06
N SER B 282 -18.81 5.59 -6.96
CA SER B 282 -17.54 4.91 -7.08
C SER B 282 -17.68 3.56 -7.79
N GLY B 283 -16.54 2.95 -8.09
CA GLY B 283 -16.47 1.63 -8.68
C GLY B 283 -16.79 0.56 -7.65
N PHE B 284 -16.36 -0.66 -7.87
CA PHE B 284 -16.77 -1.79 -7.04
C PHE B 284 -15.85 -1.77 -5.85
N ALA B 285 -16.38 -2.23 -4.72
CA ALA B 285 -15.64 -2.24 -3.48
C ALA B 285 -15.30 -3.69 -3.15
N TYR B 286 -14.03 -3.95 -2.86
CA TYR B 286 -13.62 -5.23 -2.32
C TYR B 286 -12.32 -5.06 -1.63
N LEU B 287 -11.95 -6.05 -0.83
CA LEU B 287 -10.78 -5.91 0.01
C LEU B 287 -9.55 -6.00 -0.82
N ALA B 288 -8.64 -5.04 -0.63
CA ALA B 288 -7.41 -4.95 -1.40
C ALA B 288 -6.63 -6.27 -1.45
N GLY B 289 -6.35 -6.71 -2.67
CA GLY B 289 -5.60 -7.93 -2.85
C GLY B 289 -6.49 -9.13 -3.17
N THR B 290 -7.79 -9.00 -2.93
CA THR B 290 -8.68 -10.08 -3.31
C THR B 290 -9.09 -9.98 -4.78
N ASP B 291 -9.91 -10.95 -5.19
CA ASP B 291 -10.44 -11.06 -6.52
C ASP B 291 -11.90 -10.71 -6.45
N PRO B 292 -12.31 -9.63 -7.14
CA PRO B 292 -13.70 -9.16 -7.02
C PRO B 292 -14.61 -10.21 -7.61
N TYR B 293 -15.79 -10.38 -7.04
CA TYR B 293 -16.71 -11.35 -7.61
C TYR B 293 -17.47 -10.73 -8.80
N LEU B 294 -16.71 -10.43 -9.86
CA LEU B 294 -17.28 -9.86 -11.08
C LEU B 294 -17.06 -10.77 -12.28
N VAL B 295 -18.01 -10.75 -13.20
CA VAL B 295 -17.94 -11.57 -14.41
C VAL B 295 -16.83 -11.11 -15.34
N ASN B 296 -16.62 -9.79 -15.42
CA ASN B 296 -15.57 -9.23 -16.29
C ASN B 296 -14.23 -9.00 -15.60
N PHE B 297 -14.09 -9.50 -14.39
CA PHE B 297 -12.78 -9.43 -13.78
C PHE B 297 -11.88 -10.40 -14.51
N VAL B 298 -10.86 -9.86 -15.19
CA VAL B 298 -9.95 -10.71 -15.95
C VAL B 298 -8.48 -10.48 -15.55
N GLN B 299 -7.56 -10.83 -16.45
CA GLN B 299 -6.16 -10.90 -16.09
C GLN B 299 -5.58 -9.59 -15.56
N ILE B 300 -5.83 -8.51 -16.29
CA ILE B 300 -5.25 -7.23 -15.95
C ILE B 300 -6.27 -6.25 -15.36
N GLY B 301 -7.36 -5.98 -16.07
CA GLY B 301 -8.38 -5.07 -15.58
C GLY B 301 -9.49 -5.75 -14.81
N ASP B 302 -10.15 -5.00 -13.92
CA ASP B 302 -11.35 -5.47 -13.21
C ASP B 302 -12.59 -4.88 -13.87
N PHE B 303 -12.35 -3.93 -14.77
CA PHE B 303 -13.43 -3.24 -15.46
C PHE B 303 -14.52 -2.77 -14.50
N ALA B 304 -14.10 -2.24 -13.36
CA ALA B 304 -15.03 -1.73 -12.35
C ALA B 304 -14.63 -0.34 -11.88
N ASN B 305 -14.34 0.54 -12.83
CA ASN B 305 -14.14 1.94 -12.49
C ASN B 305 -15.50 2.61 -12.47
N LYS B 306 -15.52 3.84 -11.97
CA LYS B 306 -16.76 4.57 -11.83
C LYS B 306 -17.50 4.71 -13.18
N ASP B 307 -18.74 4.23 -13.20
CA ASP B 307 -19.68 4.36 -14.32
C ASP B 307 -19.40 3.47 -15.50
N GLU B 308 -18.45 2.55 -15.36
CA GLU B 308 -17.99 1.76 -16.50
C GLU B 308 -18.92 0.64 -16.92
N ARG B 309 -19.40 0.73 -18.17
CA ARG B 309 -20.15 -0.37 -18.74
C ARG B 309 -19.13 -1.22 -19.45
N SER B 310 -19.22 -2.54 -19.30
CA SER B 310 -18.24 -3.41 -19.94
C SER B 310 -18.90 -4.58 -20.69
N TRP B 311 -18.22 -5.07 -21.73
CA TRP B 311 -18.73 -6.21 -22.50
C TRP B 311 -17.67 -7.27 -22.65
N GLN B 312 -18.03 -8.53 -22.51
CA GLN B 312 -17.07 -9.62 -22.71
C GLN B 312 -17.54 -10.69 -23.70
N LEU B 313 -16.67 -11.02 -24.64
CA LEU B 313 -16.90 -12.18 -25.48
C LEU B 313 -15.87 -13.22 -25.07
N ARG B 314 -16.31 -14.44 -24.81
CA ARG B 314 -15.34 -15.45 -24.43
C ARG B 314 -15.53 -16.77 -25.14
N TYR B 315 -14.40 -17.35 -25.56
CA TYR B 315 -14.43 -18.65 -26.21
C TYR B 315 -13.52 -19.63 -25.51
N ASP B 316 -14.07 -20.80 -25.18
CA ASP B 316 -13.27 -21.85 -24.55
C ASP B 316 -13.29 -23.09 -25.41
N TYR B 317 -12.12 -23.70 -25.62
CA TYR B 317 -12.08 -25.05 -26.20
C TYR B 317 -11.28 -26.06 -25.39
N ASP B 318 -11.95 -27.17 -25.05
CA ASP B 318 -11.33 -28.34 -24.41
C ASP B 318 -10.86 -29.37 -25.45
N PHE B 319 -9.55 -29.62 -25.53
CA PHE B 319 -9.05 -30.59 -26.52
C PHE B 319 -9.27 -32.05 -26.12
N ALA B 320 -10.08 -32.29 -25.09
CA ALA B 320 -10.52 -33.63 -24.73
C ALA B 320 -11.41 -34.15 -25.84
N ALA B 321 -12.14 -33.23 -26.46
CA ALA B 321 -13.02 -33.53 -27.58
C ALA B 321 -12.25 -34.29 -28.64
N ILE B 322 -11.38 -33.56 -29.35
CA ILE B 322 -10.43 -34.09 -30.35
C ILE B 322 -9.66 -35.35 -29.92
N GLY B 323 -9.60 -35.61 -28.62
CA GLY B 323 -8.86 -36.75 -28.11
C GLY B 323 -7.46 -36.25 -27.79
N LEU B 324 -7.38 -35.45 -26.74
CA LEU B 324 -6.13 -34.85 -26.30
C LEU B 324 -6.40 -34.25 -24.93
N PRO B 325 -6.80 -35.10 -23.96
CA PRO B 325 -7.35 -34.59 -22.70
C PRO B 325 -6.33 -33.73 -21.96
N GLY B 326 -6.84 -32.78 -21.19
CA GLY B 326 -6.02 -31.93 -20.36
C GLY B 326 -5.37 -30.76 -21.06
N LEU B 327 -5.68 -30.59 -22.34
CA LEU B 327 -5.27 -29.40 -23.07
C LEU B 327 -6.46 -28.48 -23.27
N THR B 328 -6.29 -27.21 -22.92
CA THR B 328 -7.38 -26.25 -23.07
C THR B 328 -6.94 -24.93 -23.63
N PHE B 329 -7.91 -24.25 -24.22
CA PHE B 329 -7.64 -22.97 -24.82
C PHE B 329 -8.69 -22.02 -24.32
N MET B 330 -8.34 -20.76 -24.20
CA MET B 330 -9.32 -19.77 -23.81
C MET B 330 -8.91 -18.42 -24.32
N SER B 331 -9.88 -17.67 -24.80
CA SER B 331 -9.61 -16.35 -25.28
C SER B 331 -10.84 -15.48 -25.08
N ARG B 332 -10.61 -14.24 -24.67
CA ARG B 332 -11.71 -13.32 -24.38
C ARG B 332 -11.32 -11.90 -24.69
N TYR B 333 -12.28 -11.14 -25.17
CA TYR B 333 -12.07 -9.74 -25.47
C TYR B 333 -13.11 -8.96 -24.69
N LEU B 334 -12.65 -7.92 -24.00
CA LEU B 334 -13.56 -7.07 -23.26
C LEU B 334 -13.41 -5.62 -23.69
N ARG B 335 -14.50 -4.88 -23.57
CA ARG B 335 -14.50 -3.47 -23.91
C ARG B 335 -15.37 -2.78 -22.88
N GLY B 336 -14.75 -1.86 -22.15
CA GLY B 336 -15.46 -1.01 -21.22
C GLY B 336 -15.36 0.43 -21.71
N GLU B 337 -16.38 1.21 -21.39
CA GLU B 337 -16.48 2.60 -21.80
C GLU B 337 -17.30 3.37 -20.75
N HIS B 338 -17.55 4.65 -21.01
CA HIS B 338 -18.37 5.49 -20.12
C HIS B 338 -17.72 5.69 -18.73
N ILE B 339 -16.43 5.41 -18.66
CA ILE B 339 -15.69 5.54 -17.44
C ILE B 339 -15.62 7.01 -17.07
N ASP B 340 -16.10 7.36 -15.89
CA ASP B 340 -15.98 8.74 -15.43
C ASP B 340 -14.50 8.97 -15.16
N LEU B 341 -13.96 10.05 -15.71
CA LEU B 341 -12.56 10.33 -15.55
C LEU B 341 -12.34 11.30 -14.42
N LEU B 342 -13.43 11.70 -13.77
CA LEU B 342 -13.38 12.61 -12.63
C LEU B 342 -12.69 13.92 -13.03
N ASP B 343 -11.38 13.88 -13.27
CA ASP B 343 -10.60 15.06 -13.66
C ASP B 343 -11.07 15.73 -14.98
N GLY B 344 -12.37 15.61 -15.29
CA GLY B 344 -12.94 16.17 -16.49
C GLY B 344 -12.49 15.39 -17.70
N GLY B 346 -14.57 14.47 -19.65
CA GLY B 346 -14.73 13.48 -20.70
C GLY B 346 -14.93 12.09 -20.14
N ARG B 347 -14.98 11.08 -21.01
CA ARG B 347 -15.09 9.71 -20.55
C ARG B 347 -13.96 8.82 -21.07
N GLY B 348 -13.66 7.77 -20.31
CA GLY B 348 -12.61 6.84 -20.67
C GLY B 348 -13.19 5.56 -21.23
N LYS B 349 -12.42 4.92 -22.11
CA LYS B 349 -12.73 3.59 -22.63
C LYS B 349 -11.44 2.74 -22.51
N GLU B 350 -11.62 1.45 -22.34
CA GLU B 350 -10.47 0.56 -22.28
C GLU B 350 -10.93 -0.77 -22.87
N TRP B 351 -9.98 -1.59 -23.31
CA TRP B 351 -10.30 -2.91 -23.81
C TRP B 351 -9.15 -3.88 -23.50
N GLU B 352 -9.50 -5.17 -23.37
CA GLU B 352 -8.50 -6.18 -23.06
C GLU B 352 -8.72 -7.48 -23.84
N ARG B 353 -7.62 -8.20 -24.05
CA ARG B 353 -7.65 -9.48 -24.75
C ARG B 353 -6.77 -10.39 -23.92
N ASP B 354 -7.32 -11.52 -23.50
CA ASP B 354 -6.58 -12.51 -22.72
C ASP B 354 -6.57 -13.83 -23.49
N THR B 355 -5.44 -14.52 -23.52
CA THR B 355 -5.43 -15.86 -24.09
C THR B 355 -4.66 -16.82 -23.23
N ASP B 356 -5.31 -17.91 -22.81
CA ASP B 356 -4.63 -18.91 -22.00
C ASP B 356 -4.56 -20.26 -22.71
N ILE B 357 -3.36 -20.83 -22.74
CA ILE B 357 -3.19 -22.21 -23.18
C ILE B 357 -2.71 -23.03 -22.01
N ALA B 358 -3.24 -24.24 -21.82
CA ALA B 358 -2.89 -24.98 -20.62
C ALA B 358 -2.86 -26.49 -20.81
N TYR B 359 -1.73 -27.12 -20.46
CA TYR B 359 -1.67 -28.57 -20.42
C TYR B 359 -1.64 -29.04 -19.01
N LEU B 360 -2.54 -29.95 -18.71
CA LEU B 360 -2.45 -30.65 -17.45
C LEU B 360 -2.50 -32.13 -17.76
N VAL B 361 -1.38 -32.81 -17.52
CA VAL B 361 -1.25 -34.22 -17.76
C VAL B 361 -2.50 -34.89 -17.21
N GLN B 362 -3.51 -34.96 -18.07
CA GLN B 362 -4.80 -35.54 -17.72
C GLN B 362 -5.07 -36.75 -18.54
N SER B 363 -4.85 -37.91 -17.92
CA SER B 363 -4.30 -37.93 -16.57
C SER B 363 -3.28 -39.02 -16.40
N GLY B 364 -2.82 -39.57 -17.51
CA GLY B 364 -1.97 -40.72 -17.47
C GLY B 364 -0.78 -40.48 -16.58
N PRO B 365 -0.58 -41.36 -15.59
CA PRO B 365 0.57 -41.31 -14.69
C PRO B 365 1.81 -41.38 -15.57
N LEU B 366 2.98 -40.99 -15.08
CA LEU B 366 3.18 -40.61 -13.71
C LEU B 366 3.10 -39.11 -13.50
N LYS B 367 1.99 -38.45 -13.86
CA LYS B 367 1.88 -37.01 -13.58
C LYS B 367 0.47 -36.46 -13.24
N ASN B 368 0.49 -35.36 -12.51
CA ASN B 368 -0.63 -34.43 -12.37
C ASN B 368 0.00 -33.08 -12.58
N LEU B 369 1.03 -33.10 -13.41
CA LEU B 369 1.85 -31.94 -13.70
C LEU B 369 1.18 -31.03 -14.71
N GLY B 370 0.86 -29.82 -14.27
CA GLY B 370 0.20 -28.86 -15.13
C GLY B 370 1.13 -27.79 -15.63
N ILE B 371 0.78 -27.19 -16.76
CA ILE B 371 1.51 -26.05 -17.27
C ILE B 371 0.55 -25.08 -17.93
N LYS B 372 0.66 -23.79 -17.59
CA LYS B 372 -0.28 -22.80 -18.05
C LYS B 372 0.41 -21.52 -18.51
N LEU B 373 0.08 -21.04 -19.71
CA LEU B 373 0.59 -19.77 -20.23
C LEU B 373 -0.56 -18.79 -20.34
N ARG B 374 -0.45 -17.65 -19.66
CA ARG B 374 -1.53 -16.68 -19.66
C ARG B 374 -1.01 -15.41 -20.23
N ASN B 375 -1.79 -14.83 -21.13
CA ASN B 375 -1.30 -13.73 -21.90
C ASN B 375 -2.37 -12.66 -21.88
N GLY B 376 -1.98 -11.44 -21.51
CA GLY B 376 -2.95 -10.39 -21.36
C GLY B 376 -2.48 -9.11 -22.05
N THR B 377 -3.31 -8.58 -22.93
CA THR B 377 -3.04 -7.29 -23.52
C THR B 377 -4.14 -6.36 -23.11
N PHE B 378 -3.73 -5.27 -22.48
CA PHE B 378 -4.66 -4.27 -22.00
C PHE B 378 -4.35 -2.89 -22.57
N ARG B 379 -5.39 -2.18 -23.01
CA ARG B 379 -5.21 -0.81 -23.52
C ARG B 379 -6.31 0.12 -23.02
N SER B 380 -5.97 1.40 -22.87
CA SER B 380 -6.96 2.43 -22.57
C SER B 380 -6.71 3.67 -23.42
N ASP B 381 -7.53 4.70 -23.23
CA ASP B 381 -7.34 5.97 -23.95
C ASP B 381 -7.12 7.10 -22.96
N PHE B 382 -7.02 6.74 -21.67
CA PHE B 382 -6.89 7.72 -20.61
C PHE B 382 -5.62 7.48 -19.79
N GLY B 383 -4.75 6.60 -20.25
CA GLY B 383 -3.50 6.43 -19.53
C GLY B 383 -2.77 5.14 -19.79
N ASN B 384 -3.01 4.20 -18.89
CA ASN B 384 -2.31 2.93 -18.84
C ASN B 384 -2.26 2.14 -20.14
N ASP B 385 -1.31 1.23 -20.25
CA ASP B 385 -1.21 0.33 -21.38
C ASP B 385 -0.32 -0.79 -20.92
N ILE B 386 -0.83 -2.00 -20.88
CA ILE B 386 -0.08 -3.05 -20.20
C ILE B 386 -0.06 -4.32 -21.03
N ASP B 387 1.11 -4.91 -21.11
CA ASP B 387 1.23 -6.24 -21.66
C ASP B 387 1.74 -7.13 -20.55
N GLU B 388 1.10 -8.27 -20.36
CA GLU B 388 1.47 -9.18 -19.27
C GLU B 388 1.46 -10.60 -19.78
N THR B 389 2.50 -11.34 -19.42
CA THR B 389 2.60 -12.76 -19.75
C THR B 389 2.96 -13.51 -18.51
N ARG B 390 2.32 -14.66 -18.31
CA ARG B 390 2.57 -15.52 -17.16
C ARG B 390 2.77 -16.97 -17.55
N LEU B 391 3.95 -17.52 -17.26
CA LEU B 391 4.17 -18.96 -17.43
C LEU B 391 4.10 -19.64 -16.06
N ILE B 392 3.29 -20.69 -15.96
CA ILE B 392 3.17 -21.36 -14.69
C ILE B 392 3.31 -22.85 -14.87
N VAL B 393 4.16 -23.46 -14.05
CA VAL B 393 4.31 -24.91 -14.02
C VAL B 393 4.00 -25.34 -12.62
N SER B 394 3.03 -26.25 -12.48
CA SER B 394 2.55 -26.63 -11.16
C SER B 394 2.32 -28.11 -11.04
N TYR B 395 2.89 -28.70 -10.00
CA TYR B 395 2.69 -30.12 -9.72
C TYR B 395 2.17 -30.32 -8.30
N ALA B 396 1.04 -31.02 -8.15
CA ALA B 396 0.47 -31.27 -6.81
C ALA B 396 0.30 -32.76 -6.49
N LEU B 397 0.64 -33.14 -5.27
CA LEU B 397 0.73 -34.55 -4.96
C LEU B 397 0.18 -34.82 -3.58
N PRO B 398 -0.89 -35.63 -3.50
CA PRO B 398 -1.47 -36.05 -2.20
C PRO B 398 -0.46 -36.85 -1.41
N LEU B 399 -0.18 -36.44 -0.18
CA LEU B 399 0.87 -37.09 0.58
C LEU B 399 0.46 -38.47 1.08
N TRP B 400 -0.79 -38.84 0.87
CA TRP B 400 -1.26 -40.20 1.13
C TRP B 400 -2.67 -40.41 0.60
#